data_7OYW
#
_entry.id   7OYW
#
_cell.length_a   116.881
_cell.length_b   71.285
_cell.length_c   92.417
_cell.angle_alpha   90.000
_cell.angle_beta   90.000
_cell.angle_gamma   90.000
#
_symmetry.space_group_name_H-M   'P 21 21 2'
#
loop_
_entity.id
_entity.type
_entity.pdbx_description
1 polymer 'Putrescine-binding periplasmic protein'
2 non-polymer SPERMIDINE
3 non-polymer (2~{S})-1-(2-methoxyethoxy)propan-2-amine
4 non-polymer (2~{R})-1-[(2~{R})-1-(2-methoxyethoxy)propan-2-yl]oxypropan-2-amine
5 non-polymer (2~{S})-1-methoxypropan-2-amine
6 non-polymer 'CHLORIDE ION'
7 non-polymer (2R)-1-methoxypropan-2-amine
8 water water
#
_entity_poly.entity_id   1
_entity_poly.type   'polypeptide(L)'
_entity_poly.pdbx_seq_one_letter_code
;AEQKTLHIYNWTDYIAPDTVANFEKETGIKVVYDVFDSNEVLEGKLMAGSTGFDLVVPSAYLLERQLTAGVFQPLDKSKL
PEWKNLDPELLKLVAKHDPDNKFAMPYMWATTGIGYNVDKVKAVLGENAPVDSWDLILKPENLEKLKSCGVSFLDDPEEV
FATVLNYLGKDPNSTKADDYTGPATDLLLKLRPNIRYFHSSQYINDLANGDICVAIGWAGDVWQASNRAKEAKNGVNVSF
SIPKEGAMAWFDVFAMPADAKNKDEAYQFLNYLLRPDVVAHISDHVFYANANKAATPLVSAEVRENPGIYPPADVRAKLF
TQKVQDPKIDRVRTRAWTKVKSGKLEHHHHHH
;
_entity_poly.pdbx_strand_id   A,B
#
# COMPACT_ATOMS: atom_id res chain seq x y z
N GLN A 3 -18.01 7.14 24.21
CA GLN A 3 -18.94 6.79 23.15
C GLN A 3 -18.20 6.46 21.85
N LYS A 4 -18.37 5.24 21.36
CA LYS A 4 -17.63 4.82 20.18
C LYS A 4 -18.55 4.81 18.95
N THR A 5 -17.94 5.08 17.78
N THR A 5 -17.93 5.09 17.82
CA THR A 5 -18.67 5.16 16.50
CA THR A 5 -18.58 5.03 16.54
C THR A 5 -18.03 4.30 15.41
C THR A 5 -18.07 3.82 15.79
N LEU A 6 -18.84 3.44 14.79
CA LEU A 6 -18.41 2.43 13.84
C LEU A 6 -18.85 2.88 12.45
N HIS A 7 -17.91 2.92 11.51
CA HIS A 7 -18.19 3.36 10.15
C HIS A 7 -18.20 2.15 9.23
N ILE A 8 -19.30 1.95 8.51
CA ILE A 8 -19.50 0.81 7.63
C ILE A 8 -19.85 1.32 6.23
N TYR A 9 -19.26 0.70 5.22
CA TYR A 9 -19.50 1.03 3.81
C TYR A 9 -19.95 -0.24 3.12
N ASN A 10 -21.22 -0.28 2.71
CA ASN A 10 -21.86 -1.47 2.17
C ASN A 10 -22.56 -1.09 0.87
N TRP A 11 -22.88 -2.12 0.08
CA TRP A 11 -23.69 -1.91 -1.11
C TRP A 11 -25.05 -1.34 -0.70
N THR A 12 -25.64 -0.55 -1.59
CA THR A 12 -27.03 -0.16 -1.45
C THR A 12 -27.93 -1.40 -1.40
N ASP A 13 -29.10 -1.26 -0.77
CA ASP A 13 -30.12 -2.30 -0.81
C ASP A 13 -29.55 -3.67 -0.42
N TYR A 14 -28.84 -3.70 0.71
CA TYR A 14 -28.10 -4.91 1.07
C TYR A 14 -28.05 -5.10 2.58
N ILE A 15 -29.10 -4.66 3.28
CA ILE A 15 -29.25 -4.88 4.71
C ILE A 15 -30.74 -4.75 4.99
N ALA A 16 -31.18 -5.28 6.12
CA ALA A 16 -32.59 -5.09 6.45
C ALA A 16 -32.78 -3.69 7.04
N PRO A 17 -33.99 -3.14 6.94
CA PRO A 17 -34.19 -1.75 7.37
C PRO A 17 -33.85 -1.50 8.82
N ASP A 18 -33.92 -2.52 9.66
CA ASP A 18 -33.74 -2.36 11.10
C ASP A 18 -32.43 -2.97 11.62
N THR A 19 -31.59 -3.54 10.76
CA THR A 19 -30.39 -4.24 11.24
C THR A 19 -29.49 -3.31 12.05
N VAL A 20 -29.19 -2.13 11.50
CA VAL A 20 -28.27 -1.22 12.17
C VAL A 20 -28.89 -0.70 13.47
N ALA A 21 -30.16 -0.28 13.42
CA ALA A 21 -30.80 0.23 14.62
C ALA A 21 -30.81 -0.81 15.73
N ASN A 22 -31.07 -2.07 15.36
CA ASN A 22 -31.08 -3.15 16.34
C ASN A 22 -29.70 -3.34 16.97
N PHE A 23 -28.64 -3.24 16.15
CA PHE A 23 -27.28 -3.33 16.67
C PHE A 23 -26.96 -2.16 17.59
N GLU A 24 -27.34 -0.94 17.18
CA GLU A 24 -27.12 0.22 18.04
C GLU A 24 -27.83 0.07 19.37
N LYS A 25 -29.08 -0.41 19.35
CA LYS A 25 -29.82 -0.56 20.60
CA LYS A 25 -29.82 -0.57 20.59
C LYS A 25 -29.16 -1.60 21.49
N GLU A 26 -28.68 -2.67 20.90
CA GLU A 26 -28.08 -3.75 21.68
CA GLU A 26 -28.09 -3.74 21.70
C GLU A 26 -26.76 -3.33 22.29
N THR A 27 -25.92 -2.62 21.52
CA THR A 27 -24.52 -2.41 21.90
C THR A 27 -24.20 -1.02 22.42
N GLY A 28 -25.02 -0.01 22.13
CA GLY A 28 -24.68 1.35 22.47
C GLY A 28 -23.67 1.99 21.56
N ILE A 29 -23.26 1.31 20.50
CA ILE A 29 -22.33 1.84 19.50
C ILE A 29 -23.14 2.61 18.46
N LYS A 30 -22.70 3.82 18.14
CA LYS A 30 -23.31 4.59 17.07
C LYS A 30 -22.70 4.16 15.74
N VAL A 31 -23.55 3.86 14.76
CA VAL A 31 -23.11 3.41 13.45
C VAL A 31 -23.34 4.51 12.44
N VAL A 32 -22.31 4.81 11.68
CA VAL A 32 -22.38 5.65 10.49
C VAL A 32 -22.32 4.70 9.32
N TYR A 33 -23.43 4.59 8.60
CA TYR A 33 -23.61 3.63 7.53
C TYR A 33 -23.70 4.37 6.21
N ASP A 34 -22.80 4.06 5.29
CA ASP A 34 -22.79 4.68 3.97
C ASP A 34 -22.83 3.57 2.94
N VAL A 35 -23.19 3.93 1.70
CA VAL A 35 -23.51 2.94 0.68
C VAL A 35 -22.90 3.30 -0.68
N PHE A 36 -22.60 2.26 -1.45
CA PHE A 36 -22.11 2.36 -2.81
C PHE A 36 -22.85 1.35 -3.67
N ASP A 37 -22.80 1.53 -5.00
CA ASP A 37 -23.39 0.56 -5.91
C ASP A 37 -22.38 0.03 -6.93
N SER A 38 -21.09 0.20 -6.69
CA SER A 38 -20.07 -0.22 -7.64
CA SER A 38 -20.08 -0.26 -7.64
C SER A 38 -18.79 -0.67 -6.95
N ASN A 39 -18.26 -1.83 -7.39
CA ASN A 39 -16.93 -2.24 -6.96
C ASN A 39 -15.90 -1.19 -7.36
N GLU A 40 -16.07 -0.52 -8.51
CA GLU A 40 -15.09 0.48 -8.93
CA GLU A 40 -15.11 0.48 -8.95
C GLU A 40 -14.99 1.62 -7.92
N VAL A 41 -16.11 2.08 -7.38
CA VAL A 41 -16.07 3.18 -6.42
C VAL A 41 -15.32 2.75 -5.17
N LEU A 42 -15.67 1.58 -4.64
CA LEU A 42 -15.00 1.08 -3.45
C LEU A 42 -13.53 0.85 -3.72
N GLU A 43 -13.18 0.23 -4.85
CA GLU A 43 -11.79 -0.07 -5.13
C GLU A 43 -10.97 1.21 -5.22
N GLY A 44 -11.53 2.23 -5.88
CA GLY A 44 -10.84 3.50 -5.96
C GLY A 44 -10.52 4.08 -4.60
N LYS A 45 -11.51 4.07 -3.69
CA LYS A 45 -11.29 4.59 -2.36
C LYS A 45 -10.25 3.77 -1.60
N LEU A 46 -10.30 2.45 -1.73
CA LEU A 46 -9.30 1.62 -1.05
C LEU A 46 -7.89 1.92 -1.54
N MET A 47 -7.73 2.22 -2.83
CA MET A 47 -6.40 2.35 -3.40
CA MET A 47 -6.40 2.35 -3.40
C MET A 47 -5.88 3.78 -3.38
N ALA A 48 -6.75 4.76 -3.19
CA ALA A 48 -6.32 6.14 -3.27
C ALA A 48 -5.78 6.70 -1.96
N GLY A 49 -6.11 6.08 -0.84
CA GLY A 49 -5.81 6.66 0.44
C GLY A 49 -6.65 5.96 1.49
N SER A 50 -6.82 6.64 2.62
CA SER A 50 -7.62 6.05 3.69
C SER A 50 -9.08 6.15 3.33
N THR A 51 -9.83 5.10 3.62
CA THR A 51 -11.27 5.17 3.40
C THR A 51 -12.02 5.75 4.58
N GLY A 52 -11.39 5.82 5.75
CA GLY A 52 -12.08 6.20 6.97
C GLY A 52 -13.09 5.19 7.48
N PHE A 53 -13.25 4.04 6.83
CA PHE A 53 -14.22 3.05 7.26
C PHE A 53 -13.57 1.97 8.12
N ASP A 54 -14.36 1.44 9.05
CA ASP A 54 -13.95 0.30 9.85
C ASP A 54 -14.29 -1.03 9.19
N LEU A 55 -15.34 -1.06 8.37
CA LEU A 55 -15.74 -2.25 7.63
C LEU A 55 -16.16 -1.80 6.24
N VAL A 56 -15.81 -2.61 5.23
CA VAL A 56 -16.21 -2.41 3.85
C VAL A 56 -16.65 -3.76 3.30
N VAL A 57 -17.39 -3.74 2.19
CA VAL A 57 -18.00 -4.95 1.65
C VAL A 57 -17.64 -5.16 0.18
N PRO A 58 -16.40 -5.50 -0.14
CA PRO A 58 -16.04 -5.78 -1.53
C PRO A 58 -16.60 -7.10 -2.03
N SER A 59 -16.74 -7.22 -3.34
CA SER A 59 -16.92 -8.57 -3.89
CA SER A 59 -16.91 -8.54 -3.93
C SER A 59 -15.64 -9.36 -3.68
N ALA A 60 -15.77 -10.69 -3.63
CA ALA A 60 -14.61 -11.51 -3.33
C ALA A 60 -13.51 -11.37 -4.39
N TYR A 61 -13.88 -11.21 -5.66
CA TYR A 61 -12.81 -11.06 -6.65
C TYR A 61 -12.10 -9.71 -6.50
N LEU A 62 -12.79 -8.67 -5.98
CA LEU A 62 -12.11 -7.40 -5.72
C LEU A 62 -11.15 -7.55 -4.55
N LEU A 63 -11.60 -8.22 -3.50
CA LEU A 63 -10.71 -8.56 -2.40
CA LEU A 63 -10.71 -8.55 -2.40
C LEU A 63 -9.47 -9.28 -2.93
N GLU A 64 -9.69 -10.25 -3.80
CA GLU A 64 -8.57 -10.97 -4.41
C GLU A 64 -7.68 -10.02 -5.19
N ARG A 65 -8.28 -9.13 -6.00
CA ARG A 65 -7.48 -8.26 -6.83
CA ARG A 65 -7.48 -8.25 -6.84
C ARG A 65 -6.52 -7.40 -6.01
N GLN A 66 -6.97 -6.92 -4.85
CA GLN A 66 -6.17 -5.97 -4.07
C GLN A 66 -5.60 -6.56 -2.79
N LEU A 67 -5.70 -7.87 -2.62
CA LEU A 67 -5.26 -8.49 -1.39
C LEU A 67 -3.78 -8.22 -1.14
N THR A 68 -2.95 -8.40 -2.17
CA THR A 68 -1.52 -8.23 -1.95
C THR A 68 -1.12 -6.76 -1.85
N ALA A 69 -2.05 -5.83 -2.10
CA ALA A 69 -1.76 -4.42 -1.89
C ALA A 69 -1.77 -4.04 -0.42
N GLY A 70 -2.24 -4.93 0.45
CA GLY A 70 -2.20 -4.70 1.87
C GLY A 70 -3.25 -3.76 2.39
N VAL A 71 -4.33 -3.54 1.64
CA VAL A 71 -5.35 -2.59 2.08
C VAL A 71 -6.32 -3.17 3.09
N PHE A 72 -6.30 -4.48 3.31
CA PHE A 72 -7.15 -5.13 4.29
C PHE A 72 -6.26 -5.70 5.39
N GLN A 73 -6.83 -5.82 6.58
CA GLN A 73 -6.05 -6.50 7.60
C GLN A 73 -6.70 -7.83 7.98
N PRO A 74 -5.92 -8.78 8.47
CA PRO A 74 -6.48 -10.09 8.76
C PRO A 74 -7.49 -10.02 9.89
N LEU A 75 -8.53 -10.85 9.80
N LEU A 75 -8.53 -10.82 9.76
CA LEU A 75 -9.63 -10.83 10.77
CA LEU A 75 -9.53 -10.93 10.80
C LEU A 75 -9.33 -11.80 11.91
C LEU A 75 -8.96 -11.74 11.94
N ASP A 76 -9.17 -11.26 13.14
CA ASP A 76 -8.83 -12.00 14.34
C ASP A 76 -10.01 -12.88 14.70
N LYS A 77 -9.93 -14.18 14.38
N LYS A 77 -9.87 -14.18 14.38
CA LYS A 77 -11.09 -15.04 14.59
CA LYS A 77 -10.94 -15.14 14.58
C LYS A 77 -11.39 -15.25 16.07
C LYS A 77 -11.35 -15.23 16.04
N SER A 78 -10.43 -14.98 16.95
CA SER A 78 -10.73 -15.05 18.38
C SER A 78 -11.75 -14.01 18.79
N LYS A 79 -11.91 -12.93 18.02
CA LYS A 79 -12.90 -11.90 18.29
C LYS A 79 -14.20 -12.14 17.53
N LEU A 80 -14.31 -13.29 16.88
CA LEU A 80 -15.50 -13.68 16.11
C LEU A 80 -15.94 -15.06 16.58
N PRO A 81 -16.44 -15.18 17.81
N PRO A 81 -16.47 -15.14 17.80
CA PRO A 81 -16.77 -16.52 18.32
CA PRO A 81 -16.81 -16.46 18.35
C PRO A 81 -17.94 -17.20 17.62
C PRO A 81 -17.84 -17.21 17.53
N GLU A 82 -18.73 -16.51 16.81
CA GLU A 82 -19.77 -17.15 16.03
CA GLU A 82 -19.77 -17.15 16.01
CA GLU A 82 -19.77 -17.14 16.02
C GLU A 82 -19.31 -17.49 14.61
N TRP A 83 -18.01 -17.38 14.33
CA TRP A 83 -17.48 -17.70 13.00
C TRP A 83 -17.93 -19.09 12.54
N LYS A 84 -18.07 -20.01 13.50
CA LYS A 84 -18.46 -21.39 13.24
CA LYS A 84 -18.44 -21.40 13.20
C LYS A 84 -19.79 -21.51 12.52
N ASN A 85 -20.61 -20.46 12.58
CA ASN A 85 -21.91 -20.53 11.93
C ASN A 85 -21.80 -20.47 10.42
N LEU A 86 -20.71 -19.93 9.90
CA LEU A 86 -20.53 -19.88 8.46
C LEU A 86 -20.41 -21.28 7.90
N ASP A 87 -20.96 -21.48 6.73
CA ASP A 87 -20.87 -22.79 6.09
CA ASP A 87 -20.87 -22.79 6.09
C ASP A 87 -19.41 -23.10 5.78
N PRO A 88 -18.84 -24.17 6.34
CA PRO A 88 -17.41 -24.41 6.11
C PRO A 88 -17.07 -24.79 4.68
N GLU A 89 -18.03 -25.32 3.92
CA GLU A 89 -17.77 -25.61 2.52
C GLU A 89 -17.77 -24.33 1.70
N LEU A 90 -18.71 -23.41 1.99
CA LEU A 90 -18.65 -22.12 1.32
C LEU A 90 -17.36 -21.39 1.64
N LEU A 91 -16.86 -21.54 2.87
CA LEU A 91 -15.57 -20.92 3.19
C LEU A 91 -14.45 -21.44 2.28
N LYS A 92 -14.45 -22.75 1.98
CA LYS A 92 -13.43 -23.27 1.07
C LYS A 92 -13.54 -22.66 -0.32
N LEU A 93 -14.75 -22.35 -0.76
CA LEU A 93 -14.89 -21.74 -2.08
C LEU A 93 -14.42 -20.28 -2.05
N VAL A 94 -14.78 -19.54 -0.99
CA VAL A 94 -14.33 -18.16 -0.86
C VAL A 94 -12.82 -18.11 -0.72
N ALA A 95 -12.22 -19.15 -0.16
CA ALA A 95 -10.78 -19.19 0.05
C ALA A 95 -9.99 -19.17 -1.26
N LYS A 96 -10.62 -19.43 -2.40
CA LYS A 96 -9.92 -19.24 -3.67
CA LYS A 96 -9.91 -19.25 -3.66
C LYS A 96 -9.49 -17.78 -3.83
N HIS A 97 -10.26 -16.86 -3.24
CA HIS A 97 -9.99 -15.43 -3.26
C HIS A 97 -9.20 -14.96 -2.05
N ASP A 98 -9.21 -15.74 -0.98
CA ASP A 98 -8.76 -15.31 0.34
C ASP A 98 -8.22 -16.55 1.00
N PRO A 99 -6.98 -16.92 0.70
CA PRO A 99 -6.47 -18.22 1.15
C PRO A 99 -6.54 -18.37 2.66
N ASP A 100 -7.10 -19.49 3.08
CA ASP A 100 -7.30 -19.85 4.47
C ASP A 100 -8.26 -18.90 5.19
N ASN A 101 -9.06 -18.14 4.43
CA ASN A 101 -10.08 -17.26 4.98
C ASN A 101 -9.51 -16.29 6.01
N LYS A 102 -8.38 -15.69 5.66
CA LYS A 102 -7.72 -14.82 6.62
C LYS A 102 -8.34 -13.43 6.69
N PHE A 103 -8.84 -12.90 5.56
CA PHE A 103 -9.19 -11.48 5.46
C PHE A 103 -10.68 -11.21 5.34
N ALA A 104 -11.51 -12.19 4.97
CA ALA A 104 -12.86 -11.88 4.53
C ALA A 104 -13.89 -12.75 5.22
N MET A 105 -15.03 -12.13 5.56
CA MET A 105 -16.18 -12.84 6.09
CA MET A 105 -16.17 -12.85 6.08
C MET A 105 -17.23 -12.92 4.99
N PRO A 106 -17.53 -14.09 4.44
CA PRO A 106 -18.55 -14.18 3.39
CA PRO A 106 -18.55 -14.15 3.40
C PRO A 106 -19.89 -13.67 3.91
N TYR A 107 -20.54 -12.84 3.10
CA TYR A 107 -21.79 -12.20 3.48
C TYR A 107 -22.96 -12.77 2.69
N MET A 108 -23.00 -12.55 1.38
CA MET A 108 -24.05 -13.04 0.50
C MET A 108 -23.42 -13.58 -0.78
N TRP A 109 -24.20 -14.39 -1.50
CA TRP A 109 -23.81 -14.98 -2.76
C TRP A 109 -24.99 -14.84 -3.72
N ALA A 110 -24.71 -14.55 -4.99
CA ALA A 110 -25.78 -14.54 -5.98
C ALA A 110 -25.19 -14.56 -7.40
N THR A 111 -26.04 -14.20 -8.36
CA THR A 111 -25.74 -14.30 -9.77
C THR A 111 -26.12 -13.00 -10.45
N THR A 112 -25.62 -12.85 -11.67
CA THR A 112 -25.91 -11.71 -12.54
C THR A 112 -26.66 -12.21 -13.76
N GLY A 113 -27.93 -11.81 -13.84
CA GLY A 113 -28.81 -12.32 -14.87
C GLY A 113 -29.66 -11.21 -15.44
N ILE A 114 -30.89 -11.57 -15.81
CA ILE A 114 -31.79 -10.63 -16.47
C ILE A 114 -33.01 -10.45 -15.59
N GLY A 115 -33.30 -9.20 -15.23
CA GLY A 115 -34.56 -8.86 -14.60
C GLY A 115 -35.50 -8.30 -15.65
N TYR A 116 -36.78 -8.67 -15.57
CA TYR A 116 -37.68 -8.27 -16.63
C TYR A 116 -39.12 -8.17 -16.18
N ASN A 117 -39.84 -7.31 -16.89
CA ASN A 117 -41.28 -7.16 -16.76
C ASN A 117 -41.92 -8.25 -17.60
N VAL A 118 -42.50 -9.25 -16.92
CA VAL A 118 -43.03 -10.42 -17.59
C VAL A 118 -44.05 -10.01 -18.65
N ASP A 119 -45.00 -9.17 -18.28
CA ASP A 119 -46.11 -8.90 -19.20
C ASP A 119 -45.69 -7.99 -20.33
N LYS A 120 -44.83 -7.00 -20.06
CA LYS A 120 -44.41 -6.13 -21.15
C LYS A 120 -43.51 -6.87 -22.13
N VAL A 121 -42.63 -7.74 -21.64
CA VAL A 121 -41.80 -8.52 -22.55
C VAL A 121 -42.68 -9.36 -23.47
N LYS A 122 -43.72 -9.99 -22.92
CA LYS A 122 -44.59 -10.81 -23.75
C LYS A 122 -45.45 -9.96 -24.67
N ALA A 123 -45.83 -8.75 -24.25
CA ALA A 123 -46.58 -7.87 -25.12
C ALA A 123 -45.75 -7.47 -26.34
N VAL A 124 -44.46 -7.24 -26.14
CA VAL A 124 -43.61 -6.74 -27.21
C VAL A 124 -43.01 -7.86 -28.05
N LEU A 125 -42.58 -8.96 -27.42
CA LEU A 125 -41.91 -10.05 -28.11
C LEU A 125 -42.76 -11.31 -28.29
N GLY A 126 -43.93 -11.37 -27.70
CA GLY A 126 -44.80 -12.52 -27.84
C GLY A 126 -44.67 -13.50 -26.69
N GLU A 127 -45.62 -14.43 -26.66
CA GLU A 127 -45.71 -15.39 -25.56
C GLU A 127 -44.47 -16.26 -25.48
N ASN A 128 -43.81 -16.50 -26.62
CA ASN A 128 -42.58 -17.30 -26.67
C ASN A 128 -41.31 -16.46 -26.55
N ALA A 129 -41.39 -15.29 -25.95
CA ALA A 129 -40.20 -14.48 -25.73
C ALA A 129 -39.13 -15.32 -25.04
N PRO A 130 -37.85 -15.16 -25.41
CA PRO A 130 -36.81 -16.09 -24.92
C PRO A 130 -36.28 -15.67 -23.55
N VAL A 131 -37.18 -15.75 -22.56
CA VAL A 131 -36.88 -15.26 -21.23
C VAL A 131 -35.89 -16.14 -20.48
N ASP A 132 -35.59 -17.33 -21.00
CA ASP A 132 -34.58 -18.21 -20.44
C ASP A 132 -33.22 -18.04 -21.12
N SER A 133 -33.01 -16.97 -21.88
CA SER A 133 -31.81 -16.82 -22.68
C SER A 133 -31.30 -15.39 -22.66
N TRP A 134 -29.97 -15.26 -22.71
CA TRP A 134 -29.37 -13.94 -22.93
C TRP A 134 -29.84 -13.32 -24.25
N ASP A 135 -30.42 -14.12 -25.16
CA ASP A 135 -31.01 -13.55 -26.36
C ASP A 135 -32.03 -12.46 -26.05
N LEU A 136 -32.68 -12.55 -24.87
CA LEU A 136 -33.69 -11.56 -24.53
C LEU A 136 -33.13 -10.14 -24.54
N ILE A 137 -31.89 -9.96 -24.13
CA ILE A 137 -31.30 -8.63 -23.92
C ILE A 137 -30.04 -8.41 -24.75
N LEU A 138 -29.44 -9.44 -25.35
CA LEU A 138 -28.21 -9.28 -26.11
C LEU A 138 -28.36 -9.55 -27.60
N LYS A 139 -29.55 -9.91 -28.05
CA LYS A 139 -29.82 -10.02 -29.47
C LYS A 139 -30.33 -8.68 -29.97
N PRO A 140 -29.63 -8.02 -30.91
CA PRO A 140 -30.08 -6.68 -31.33
C PRO A 140 -31.53 -6.62 -31.78
N GLU A 141 -32.02 -7.63 -32.49
CA GLU A 141 -33.39 -7.58 -32.97
CA GLU A 141 -33.39 -7.59 -32.97
C GLU A 141 -34.39 -7.52 -31.82
N ASN A 142 -34.07 -8.16 -30.69
CA ASN A 142 -34.95 -8.07 -29.53
C ASN A 142 -34.83 -6.73 -28.85
N LEU A 143 -33.60 -6.22 -28.67
CA LEU A 143 -33.46 -4.93 -27.99
CA LEU A 143 -33.46 -4.92 -28.00
C LEU A 143 -34.11 -3.81 -28.80
N GLU A 144 -34.06 -3.89 -30.13
CA GLU A 144 -34.73 -2.88 -30.94
C GLU A 144 -36.21 -2.81 -30.62
N LYS A 145 -36.82 -3.97 -30.41
CA LYS A 145 -38.25 -4.02 -30.10
C LYS A 145 -38.54 -3.56 -28.68
N LEU A 146 -37.59 -3.74 -27.76
CA LEU A 146 -37.79 -3.40 -26.36
C LEU A 146 -37.34 -1.99 -26.03
N LYS A 147 -36.74 -1.29 -26.98
CA LYS A 147 -36.10 -0.01 -26.66
C LYS A 147 -37.06 0.92 -25.93
N SER A 148 -38.29 1.06 -26.44
CA SER A 148 -39.16 2.08 -25.87
C SER A 148 -39.72 1.69 -24.52
N CYS A 149 -39.82 0.39 -24.24
N CYS A 149 -39.83 0.39 -24.19
CA CYS A 149 -40.25 -0.05 -22.91
CA CYS A 149 -40.27 0.04 -22.85
C CYS A 149 -39.14 0.19 -21.88
C CYS A 149 -39.12 0.02 -21.85
N GLY A 150 -37.89 0.24 -22.32
CA GLY A 150 -36.82 0.62 -21.43
C GLY A 150 -35.89 -0.52 -21.12
N VAL A 151 -34.61 -0.34 -21.47
CA VAL A 151 -33.56 -1.32 -21.29
C VAL A 151 -32.47 -0.69 -20.44
N SER A 152 -32.02 -1.38 -19.39
CA SER A 152 -30.88 -0.93 -18.63
C SER A 152 -29.82 -2.01 -18.54
N PHE A 153 -28.57 -1.57 -18.53
CA PHE A 153 -27.44 -2.44 -18.27
C PHE A 153 -26.77 -1.97 -16.98
N LEU A 154 -26.20 -2.91 -16.24
CA LEU A 154 -25.38 -2.51 -15.10
C LEU A 154 -24.25 -1.61 -15.57
N ASP A 155 -23.85 -0.68 -14.71
CA ASP A 155 -22.68 0.14 -14.96
C ASP A 155 -21.47 -0.57 -14.34
N ASP A 156 -21.15 -1.73 -14.89
CA ASP A 156 -20.12 -2.61 -14.35
C ASP A 156 -19.43 -3.23 -15.55
N PRO A 157 -18.27 -2.71 -15.96
CA PRO A 157 -17.64 -3.21 -17.19
C PRO A 157 -17.19 -4.65 -17.07
N GLU A 158 -16.75 -5.08 -15.90
CA GLU A 158 -16.29 -6.45 -15.75
CA GLU A 158 -16.29 -6.46 -15.74
C GLU A 158 -17.44 -7.43 -15.97
N GLU A 159 -18.58 -7.17 -15.33
CA GLU A 159 -19.75 -8.03 -15.50
CA GLU A 159 -19.74 -8.03 -15.49
C GLU A 159 -20.23 -8.03 -16.93
N VAL A 160 -20.35 -6.85 -17.54
CA VAL A 160 -20.96 -6.76 -18.85
C VAL A 160 -20.08 -7.43 -19.91
N PHE A 161 -18.77 -7.15 -19.89
CA PHE A 161 -17.90 -7.81 -20.87
C PHE A 161 -17.87 -9.31 -20.68
N ALA A 162 -17.86 -9.79 -19.44
CA ALA A 162 -17.83 -11.24 -19.23
C ALA A 162 -19.09 -11.90 -19.78
N THR A 163 -20.25 -11.29 -19.54
CA THR A 163 -21.49 -11.87 -20.03
C THR A 163 -21.55 -11.84 -21.55
N VAL A 164 -21.10 -10.74 -22.15
CA VAL A 164 -21.08 -10.62 -23.60
C VAL A 164 -20.13 -11.66 -24.20
N LEU A 165 -18.94 -11.81 -23.61
CA LEU A 165 -18.00 -12.80 -24.13
C LEU A 165 -18.59 -14.20 -24.07
N ASN A 166 -19.19 -14.56 -22.94
CA ASN A 166 -19.82 -15.87 -22.82
C ASN A 166 -20.89 -16.05 -23.89
N TYR A 167 -21.70 -15.02 -24.12
CA TYR A 167 -22.79 -15.10 -25.09
C TYR A 167 -22.27 -15.33 -26.49
N LEU A 168 -21.12 -14.75 -26.81
CA LEU A 168 -20.47 -14.90 -28.11
C LEU A 168 -19.67 -16.19 -28.22
N GLY A 169 -19.70 -17.05 -27.20
CA GLY A 169 -19.01 -18.32 -27.26
C GLY A 169 -17.53 -18.25 -26.94
N LYS A 170 -17.08 -17.15 -26.37
CA LYS A 170 -15.70 -16.97 -25.93
C LYS A 170 -15.62 -17.31 -24.44
N ASP A 171 -14.39 -17.45 -23.96
CA ASP A 171 -14.18 -17.57 -22.52
C ASP A 171 -14.73 -16.32 -21.85
N PRO A 172 -15.64 -16.43 -20.87
CA PRO A 172 -16.12 -15.22 -20.18
CA PRO A 172 -16.11 -15.21 -20.20
C PRO A 172 -14.99 -14.41 -19.59
N ASN A 173 -13.88 -15.07 -19.26
CA ASN A 173 -12.69 -14.45 -18.69
C ASN A 173 -11.55 -14.42 -19.70
N SER A 174 -11.86 -14.24 -20.98
CA SER A 174 -10.84 -14.24 -22.01
C SER A 174 -9.68 -13.32 -21.65
N THR A 175 -8.47 -13.77 -21.93
CA THR A 175 -7.30 -12.94 -21.76
C THR A 175 -6.76 -12.40 -23.07
N LYS A 176 -7.55 -12.52 -24.15
CA LYS A 176 -7.14 -12.10 -25.50
C LYS A 176 -7.73 -10.72 -25.76
N ALA A 177 -6.86 -9.72 -25.89
CA ALA A 177 -7.32 -8.34 -26.04
C ALA A 177 -8.28 -8.21 -27.21
N ASP A 178 -8.03 -8.92 -28.30
CA ASP A 178 -8.84 -8.76 -29.50
C ASP A 178 -10.29 -9.17 -29.25
N ASP A 179 -10.53 -10.10 -28.31
CA ASP A 179 -11.91 -10.47 -28.04
C ASP A 179 -12.69 -9.28 -27.49
N TYR A 180 -12.03 -8.40 -26.74
CA TYR A 180 -12.68 -7.23 -26.16
C TYR A 180 -12.86 -6.13 -27.20
N THR A 181 -11.81 -5.81 -27.93
CA THR A 181 -11.87 -4.70 -28.86
C THR A 181 -12.64 -5.05 -30.13
N GLY A 182 -12.73 -6.34 -30.46
CA GLY A 182 -13.40 -6.80 -31.65
C GLY A 182 -14.83 -7.22 -31.35
N PRO A 183 -15.07 -8.53 -31.24
CA PRO A 183 -16.47 -8.99 -31.18
C PRO A 183 -17.27 -8.44 -30.02
N ALA A 184 -16.69 -8.31 -28.83
CA ALA A 184 -17.50 -7.84 -27.70
C ALA A 184 -17.91 -6.40 -27.91
N THR A 185 -16.96 -5.55 -28.34
CA THR A 185 -17.28 -4.17 -28.63
C THR A 185 -18.28 -4.08 -29.77
N ASP A 186 -18.11 -4.92 -30.80
CA ASP A 186 -19.01 -4.88 -31.94
C ASP A 186 -20.45 -5.12 -31.50
N LEU A 187 -20.66 -6.13 -30.67
CA LEU A 187 -22.02 -6.42 -30.21
C LEU A 187 -22.53 -5.27 -29.35
N LEU A 188 -21.72 -4.81 -28.41
CA LEU A 188 -22.19 -3.77 -27.51
C LEU A 188 -22.56 -2.50 -28.27
N LEU A 189 -21.79 -2.14 -29.31
CA LEU A 189 -22.13 -0.94 -30.07
C LEU A 189 -23.41 -1.14 -30.87
N LYS A 190 -23.69 -2.37 -31.29
CA LYS A 190 -24.95 -2.64 -31.98
C LYS A 190 -26.13 -2.55 -31.02
N LEU A 191 -25.93 -2.94 -29.75
CA LEU A 191 -26.98 -2.86 -28.75
C LEU A 191 -27.16 -1.45 -28.22
N ARG A 192 -26.09 -0.66 -28.19
CA ARG A 192 -26.07 0.61 -27.47
C ARG A 192 -27.23 1.55 -27.79
N PRO A 193 -27.63 1.75 -29.05
CA PRO A 193 -28.71 2.72 -29.32
C PRO A 193 -30.01 2.38 -28.62
N ASN A 194 -30.18 1.14 -28.19
CA ASN A 194 -31.41 0.69 -27.57
C ASN A 194 -31.35 0.65 -26.05
N ILE A 195 -30.22 1.00 -25.47
CA ILE A 195 -30.03 0.96 -24.02
C ILE A 195 -30.37 2.33 -23.47
N ARG A 196 -31.31 2.39 -22.53
CA ARG A 196 -31.70 3.69 -21.98
C ARG A 196 -30.62 4.24 -21.07
N TYR A 197 -30.05 3.40 -20.20
CA TYR A 197 -29.02 3.87 -19.30
C TYR A 197 -28.18 2.71 -18.82
N PHE A 198 -26.98 3.05 -18.35
CA PHE A 198 -26.09 2.16 -17.63
C PHE A 198 -26.12 2.61 -16.16
N HIS A 199 -26.67 1.77 -15.29
CA HIS A 199 -26.74 2.12 -13.88
C HIS A 199 -26.92 0.84 -13.09
N SER A 200 -26.28 0.77 -11.92
CA SER A 200 -26.27 -0.43 -11.12
C SER A 200 -27.20 -0.39 -9.92
N SER A 201 -28.08 0.62 -9.83
CA SER A 201 -29.05 0.60 -8.75
C SER A 201 -30.40 1.20 -9.11
N GLN A 202 -30.45 2.16 -10.06
CA GLN A 202 -31.74 2.75 -10.41
CA GLN A 202 -31.74 2.75 -10.41
C GLN A 202 -32.69 1.72 -11.01
N TYR A 203 -32.17 0.63 -11.56
CA TYR A 203 -33.01 -0.33 -12.24
C TYR A 203 -33.95 -1.07 -11.29
N ILE A 204 -33.68 -1.06 -9.99
CA ILE A 204 -34.55 -1.77 -9.05
C ILE A 204 -35.91 -1.10 -9.01
N ASN A 205 -35.95 0.18 -8.66
CA ASN A 205 -37.23 0.87 -8.62
C ASN A 205 -37.84 1.02 -10.00
N ASP A 206 -37.02 1.19 -11.03
CA ASP A 206 -37.58 1.30 -12.39
C ASP A 206 -38.25 -0.01 -12.81
N LEU A 207 -37.67 -1.16 -12.46
CA LEU A 207 -38.36 -2.42 -12.74
C LEU A 207 -39.65 -2.50 -11.93
N ALA A 208 -39.57 -2.13 -10.65
CA ALA A 208 -40.71 -2.28 -9.76
C ALA A 208 -41.89 -1.44 -10.25
N ASN A 209 -41.62 -0.26 -10.80
CA ASN A 209 -42.66 0.70 -11.18
CA ASN A 209 -42.65 0.69 -11.17
C ASN A 209 -43.13 0.53 -12.62
N GLY A 210 -42.51 -0.35 -13.40
CA GLY A 210 -42.89 -0.52 -14.79
C GLY A 210 -42.19 0.40 -15.76
N ASP A 211 -41.17 1.13 -15.30
CA ASP A 211 -40.49 2.11 -16.16
C ASP A 211 -39.37 1.50 -16.99
N ILE A 212 -38.77 0.40 -16.57
CA ILE A 212 -37.80 -0.38 -17.34
CA ILE A 212 -37.84 -0.37 -17.39
C ILE A 212 -38.40 -1.77 -17.52
N CYS A 213 -38.29 -2.33 -18.73
CA CYS A 213 -38.85 -3.66 -18.98
CA CYS A 213 -38.84 -3.65 -19.00
C CYS A 213 -37.80 -4.76 -18.98
N VAL A 214 -36.54 -4.47 -19.24
CA VAL A 214 -35.49 -5.49 -19.16
CA VAL A 214 -35.50 -5.49 -19.17
C VAL A 214 -34.23 -4.83 -18.63
N ALA A 215 -33.52 -5.56 -17.77
CA ALA A 215 -32.30 -5.05 -17.16
C ALA A 215 -31.30 -6.19 -16.97
N ILE A 216 -30.01 -5.91 -17.21
CA ILE A 216 -29.01 -6.75 -16.58
C ILE A 216 -28.99 -6.41 -15.10
N GLY A 217 -29.14 -7.41 -14.24
CA GLY A 217 -29.27 -7.14 -12.83
C GLY A 217 -28.73 -8.24 -11.97
N TRP A 218 -28.48 -7.88 -10.71
CA TRP A 218 -28.09 -8.82 -9.68
C TRP A 218 -29.35 -9.44 -9.09
N ALA A 219 -29.28 -10.76 -8.84
CA ALA A 219 -30.50 -11.53 -8.59
C ALA A 219 -31.36 -10.91 -7.50
N GLY A 220 -30.81 -10.75 -6.29
CA GLY A 220 -31.63 -10.27 -5.19
C GLY A 220 -32.17 -8.87 -5.41
N ASP A 221 -31.43 -8.03 -6.14
CA ASP A 221 -31.95 -6.71 -6.50
C ASP A 221 -33.25 -6.87 -7.29
N VAL A 222 -33.25 -7.80 -8.25
CA VAL A 222 -34.44 -8.00 -9.08
C VAL A 222 -35.58 -8.59 -8.25
N TRP A 223 -35.26 -9.51 -7.34
CA TRP A 223 -36.31 -10.06 -6.49
C TRP A 223 -36.85 -9.00 -5.53
N GLN A 224 -36.00 -8.06 -5.10
CA GLN A 224 -36.50 -6.91 -4.36
C GLN A 224 -37.46 -6.08 -5.19
N ALA A 225 -37.11 -5.83 -6.46
CA ALA A 225 -38.02 -5.10 -7.33
C ALA A 225 -39.36 -5.81 -7.44
N SER A 226 -39.32 -7.13 -7.62
CA SER A 226 -40.55 -7.91 -7.73
C SER A 226 -41.39 -7.77 -6.47
N ASN A 227 -40.73 -7.86 -5.31
CA ASN A 227 -41.44 -7.74 -4.04
C ASN A 227 -41.98 -6.33 -3.82
N ARG A 228 -41.21 -5.30 -4.21
CA ARG A 228 -41.70 -3.93 -4.08
C ARG A 228 -42.97 -3.72 -4.91
N ALA A 229 -42.99 -4.27 -6.12
CA ALA A 229 -44.18 -4.17 -6.95
C ALA A 229 -45.35 -4.88 -6.30
N LYS A 230 -45.10 -6.07 -5.75
CA LYS A 230 -46.17 -6.81 -5.10
C LYS A 230 -46.71 -6.05 -3.91
N GLU A 231 -45.83 -5.45 -3.10
CA GLU A 231 -46.27 -4.73 -1.92
C GLU A 231 -47.00 -3.45 -2.30
N ALA A 232 -46.64 -2.84 -3.43
CA ALA A 232 -47.32 -1.67 -3.97
C ALA A 232 -48.67 -2.00 -4.61
N LYS A 233 -48.95 -3.28 -4.84
CA LYS A 233 -50.19 -3.73 -5.49
C LYS A 233 -50.39 -3.01 -6.82
N ASN A 234 -49.32 -2.86 -7.58
CA ASN A 234 -49.34 -2.02 -8.77
C ASN A 234 -49.54 -2.79 -10.06
N GLY A 235 -49.77 -4.10 -9.97
CA GLY A 235 -50.03 -4.91 -11.14
C GLY A 235 -48.83 -5.22 -12.00
N VAL A 236 -47.62 -4.83 -11.57
CA VAL A 236 -46.38 -5.11 -12.31
C VAL A 236 -45.83 -6.46 -11.86
N ASN A 237 -45.46 -7.30 -12.83
CA ASN A 237 -44.91 -8.62 -12.58
CA ASN A 237 -44.91 -8.62 -12.58
C ASN A 237 -43.45 -8.60 -13.03
N VAL A 238 -42.53 -8.57 -12.07
CA VAL A 238 -41.10 -8.64 -12.35
C VAL A 238 -40.61 -10.04 -12.04
N SER A 239 -39.78 -10.57 -12.93
CA SER A 239 -39.11 -11.84 -12.69
C SER A 239 -37.63 -11.69 -13.00
N PHE A 240 -36.89 -12.75 -12.70
CA PHE A 240 -35.45 -12.81 -12.90
C PHE A 240 -35.11 -14.14 -13.55
N SER A 241 -34.17 -14.11 -14.49
CA SER A 241 -33.68 -15.29 -15.16
CA SER A 241 -33.68 -15.30 -15.16
C SER A 241 -32.17 -15.43 -15.01
N ILE A 242 -31.73 -16.61 -14.62
CA ILE A 242 -30.33 -17.02 -14.75
C ILE A 242 -30.33 -17.76 -16.09
N PRO A 243 -29.86 -17.15 -17.18
CA PRO A 243 -30.13 -17.72 -18.50
C PRO A 243 -29.38 -19.00 -18.77
N LYS A 244 -29.88 -19.72 -19.79
CA LYS A 244 -29.43 -21.06 -20.10
C LYS A 244 -27.98 -21.10 -20.59
N GLU A 245 -27.45 -20.01 -21.11
CA GLU A 245 -26.06 -19.99 -21.56
C GLU A 245 -25.08 -19.82 -20.42
N GLY A 246 -25.56 -19.64 -19.19
CA GLY A 246 -24.72 -19.43 -18.04
C GLY A 246 -24.74 -17.98 -17.59
N ALA A 247 -24.05 -17.73 -16.47
CA ALA A 247 -24.09 -16.41 -15.86
C ALA A 247 -22.97 -16.32 -14.84
N MET A 248 -22.63 -15.08 -14.50
CA MET A 248 -21.67 -14.84 -13.43
C MET A 248 -22.28 -15.16 -12.07
N ALA A 249 -21.47 -15.77 -11.21
CA ALA A 249 -21.78 -15.97 -9.81
C ALA A 249 -20.70 -15.30 -8.99
N TRP A 250 -21.05 -14.92 -7.77
CA TRP A 250 -20.14 -14.11 -6.97
C TRP A 250 -20.52 -14.16 -5.50
N PHE A 251 -19.52 -13.88 -4.66
CA PHE A 251 -19.73 -13.63 -3.25
C PHE A 251 -19.38 -12.17 -2.97
N ASP A 252 -20.13 -11.55 -2.08
CA ASP A 252 -19.67 -10.33 -1.43
C ASP A 252 -19.26 -10.68 -0.02
N VAL A 253 -18.25 -9.97 0.48
CA VAL A 253 -17.62 -10.29 1.75
C VAL A 253 -17.41 -9.01 2.55
N PHE A 254 -17.51 -9.14 3.88
CA PHE A 254 -17.05 -8.07 4.76
C PHE A 254 -15.54 -8.19 4.95
N ALA A 255 -14.88 -7.04 4.99
CA ALA A 255 -13.45 -6.96 5.21
C ALA A 255 -13.17 -5.72 6.04
N MET A 256 -11.99 -5.70 6.66
CA MET A 256 -11.59 -4.63 7.55
CA MET A 256 -11.59 -4.63 7.55
C MET A 256 -10.42 -3.87 6.94
N PRO A 257 -10.59 -2.58 6.60
CA PRO A 257 -9.45 -1.83 6.09
C PRO A 257 -8.28 -1.87 7.06
N ALA A 258 -7.07 -1.88 6.51
CA ALA A 258 -5.88 -2.03 7.33
C ALA A 258 -5.70 -0.90 8.33
N ASP A 259 -6.23 0.28 8.06
CA ASP A 259 -6.09 1.42 8.97
C ASP A 259 -7.33 1.66 9.81
N ALA A 260 -8.22 0.68 9.91
CA ALA A 260 -9.45 0.87 10.66
C ALA A 260 -9.16 1.33 12.08
N LYS A 261 -9.91 2.36 12.51
CA LYS A 261 -9.77 2.96 13.83
C LYS A 261 -10.40 2.09 14.91
N ASN A 262 -11.63 1.64 14.70
CA ASN A 262 -12.42 1.04 15.76
C ASN A 262 -12.64 -0.44 15.50
N LYS A 263 -11.55 -1.19 15.66
CA LYS A 263 -11.58 -2.61 15.32
C LYS A 263 -12.47 -3.39 16.26
N ASP A 264 -12.44 -3.08 17.56
CA ASP A 264 -13.27 -3.82 18.51
CA ASP A 264 -13.27 -3.81 18.51
C ASP A 264 -14.75 -3.70 18.13
N GLU A 265 -15.19 -2.49 17.82
CA GLU A 265 -16.59 -2.28 17.43
C GLU A 265 -16.90 -2.97 16.12
N ALA A 266 -15.93 -2.98 15.19
CA ALA A 266 -16.12 -3.68 13.94
C ALA A 266 -16.31 -5.17 14.15
N TYR A 267 -15.49 -5.78 15.02
CA TYR A 267 -15.68 -7.20 15.32
C TYR A 267 -17.04 -7.43 15.97
N GLN A 268 -17.48 -6.50 16.82
CA GLN A 268 -18.83 -6.67 17.39
C GLN A 268 -19.88 -6.71 16.29
N PHE A 269 -19.74 -5.87 15.27
CA PHE A 269 -20.72 -5.87 14.20
C PHE A 269 -20.62 -7.14 13.37
N LEU A 270 -19.41 -7.59 13.06
CA LEU A 270 -19.28 -8.84 12.31
C LEU A 270 -19.90 -9.99 13.10
N ASN A 271 -19.67 -10.02 14.42
CA ASN A 271 -20.22 -11.07 15.25
CA ASN A 271 -20.22 -11.09 15.22
C ASN A 271 -21.74 -11.02 15.28
N TYR A 272 -22.30 -9.80 15.23
CA TYR A 272 -23.75 -9.62 15.15
C TYR A 272 -24.28 -10.21 13.85
N LEU A 273 -23.59 -9.93 12.74
CA LEU A 273 -23.99 -10.48 11.45
C LEU A 273 -23.85 -11.98 11.38
N LEU A 274 -22.98 -12.59 12.20
CA LEU A 274 -22.83 -14.03 12.27
C LEU A 274 -23.94 -14.71 13.05
N ARG A 275 -24.75 -13.96 13.78
CA ARG A 275 -25.86 -14.55 14.51
CA ARG A 275 -25.85 -14.56 14.51
CA ARG A 275 -25.85 -14.56 14.52
C ARG A 275 -26.93 -15.01 13.52
N PRO A 276 -27.45 -16.23 13.66
CA PRO A 276 -28.30 -16.78 12.59
CA PRO A 276 -28.30 -16.78 12.59
C PRO A 276 -29.55 -15.97 12.34
N ASP A 277 -30.19 -15.47 13.41
CA ASP A 277 -31.40 -14.69 13.25
C ASP A 277 -31.14 -13.38 12.50
N VAL A 278 -29.99 -12.75 12.78
CA VAL A 278 -29.69 -11.45 12.20
C VAL A 278 -29.54 -11.57 10.70
N VAL A 279 -28.72 -12.52 10.26
CA VAL A 279 -28.44 -12.61 8.84
C VAL A 279 -29.61 -13.22 8.08
N ALA A 280 -30.39 -14.11 8.72
CA ALA A 280 -31.57 -14.63 8.03
C ALA A 280 -32.58 -13.52 7.80
N HIS A 281 -32.72 -12.61 8.76
CA HIS A 281 -33.61 -11.47 8.60
C HIS A 281 -33.16 -10.57 7.46
N ILE A 282 -31.85 -10.40 7.30
CA ILE A 282 -31.35 -9.65 6.14
C ILE A 282 -31.77 -10.34 4.85
N SER A 283 -31.50 -11.64 4.73
CA SER A 283 -31.85 -12.37 3.51
C SER A 283 -33.34 -12.26 3.21
N ASP A 284 -34.17 -12.30 4.24
CA ASP A 284 -35.61 -12.19 4.03
C ASP A 284 -35.99 -10.86 3.38
N HIS A 285 -35.24 -9.80 3.65
CA HIS A 285 -35.56 -8.49 3.13
CA HIS A 285 -35.55 -8.48 3.14
C HIS A 285 -34.88 -8.17 1.82
N VAL A 286 -33.67 -8.70 1.59
CA VAL A 286 -32.93 -8.34 0.39
C VAL A 286 -32.93 -9.43 -0.66
N PHE A 287 -33.48 -10.61 -0.36
CA PHE A 287 -33.66 -11.68 -1.35
C PHE A 287 -32.34 -12.19 -1.89
N TYR A 288 -31.34 -12.25 -1.02
CA TYR A 288 -30.03 -12.80 -1.32
C TYR A 288 -29.75 -13.97 -0.39
N ALA A 289 -29.11 -15.00 -0.92
CA ALA A 289 -28.61 -16.12 -0.13
C ALA A 289 -27.42 -15.67 0.71
N ASN A 290 -27.44 -15.97 1.99
CA ASN A 290 -26.30 -15.69 2.86
C ASN A 290 -25.39 -16.90 2.94
N ALA A 291 -24.22 -16.72 3.56
CA ALA A 291 -23.20 -17.76 3.65
C ALA A 291 -23.20 -18.47 5.00
N ASN A 292 -24.26 -18.31 5.77
CA ASN A 292 -24.34 -18.76 7.16
C ASN A 292 -25.17 -20.04 7.19
N LYS A 293 -24.51 -21.16 7.46
CA LYS A 293 -25.19 -22.45 7.52
C LYS A 293 -26.20 -22.48 8.65
N ALA A 294 -25.86 -21.89 9.80
CA ALA A 294 -26.77 -21.91 10.94
C ALA A 294 -28.03 -21.12 10.65
N ALA A 295 -27.96 -20.13 9.75
CA ALA A 295 -29.12 -19.28 9.47
C ALA A 295 -30.15 -19.90 8.54
N THR A 296 -29.76 -20.91 7.76
CA THR A 296 -30.65 -21.37 6.69
C THR A 296 -32.06 -21.70 7.14
N PRO A 297 -32.27 -22.46 8.22
CA PRO A 297 -33.65 -22.82 8.60
C PRO A 297 -34.52 -21.61 8.94
N LEU A 298 -33.91 -20.48 9.26
CA LEU A 298 -34.63 -19.28 9.63
C LEU A 298 -34.99 -18.40 8.45
N VAL A 299 -34.35 -18.61 7.29
CA VAL A 299 -34.70 -17.85 6.10
C VAL A 299 -36.11 -18.21 5.66
N SER A 300 -36.86 -17.20 5.21
CA SER A 300 -38.24 -17.42 4.80
C SER A 300 -38.32 -18.46 3.69
N ALA A 301 -39.41 -19.21 3.69
CA ALA A 301 -39.64 -20.17 2.62
C ALA A 301 -39.65 -19.50 1.26
N GLU A 302 -40.22 -18.28 1.17
CA GLU A 302 -40.29 -17.64 -0.15
C GLU A 302 -38.89 -17.40 -0.73
N VAL A 303 -37.92 -17.12 0.13
CA VAL A 303 -36.55 -16.92 -0.33
C VAL A 303 -35.85 -18.25 -0.57
N ARG A 304 -35.93 -19.18 0.39
CA ARG A 304 -35.22 -20.45 0.26
C ARG A 304 -35.68 -21.26 -0.95
N GLU A 305 -36.96 -21.19 -1.27
CA GLU A 305 -37.52 -22.01 -2.33
C GLU A 305 -37.43 -21.37 -3.71
N ASN A 306 -36.83 -20.20 -3.81
CA ASN A 306 -36.74 -19.51 -5.08
C ASN A 306 -35.47 -19.97 -5.79
N PRO A 307 -35.58 -20.68 -6.91
CA PRO A 307 -34.37 -21.17 -7.61
C PRO A 307 -33.58 -20.08 -8.31
N GLY A 308 -34.07 -18.85 -8.35
CA GLY A 308 -33.26 -17.72 -8.78
C GLY A 308 -32.48 -17.07 -7.67
N ILE A 309 -32.62 -17.58 -6.46
CA ILE A 309 -31.84 -17.15 -5.30
C ILE A 309 -30.91 -18.27 -4.86
N TYR A 310 -31.45 -19.49 -4.76
CA TYR A 310 -30.70 -20.72 -4.51
C TYR A 310 -30.83 -21.65 -5.70
N PRO A 311 -29.98 -21.48 -6.72
CA PRO A 311 -30.16 -22.26 -7.95
C PRO A 311 -29.77 -23.72 -7.74
N PRO A 312 -30.41 -24.62 -8.46
CA PRO A 312 -30.09 -26.05 -8.36
C PRO A 312 -28.80 -26.37 -9.11
N ALA A 313 -28.37 -27.62 -8.95
CA ALA A 313 -27.05 -28.00 -9.43
C ALA A 313 -26.92 -27.83 -10.94
N ASP A 314 -27.98 -28.11 -11.70
CA ASP A 314 -27.87 -28.01 -13.16
C ASP A 314 -27.65 -26.57 -13.59
N VAL A 315 -28.14 -25.61 -12.83
CA VAL A 315 -27.89 -24.21 -13.11
C VAL A 315 -26.51 -23.82 -12.60
N ARG A 316 -26.14 -24.28 -11.40
CA ARG A 316 -24.84 -23.92 -10.86
C ARG A 316 -23.72 -24.41 -11.76
N ALA A 317 -23.95 -25.52 -12.48
CA ALA A 317 -22.93 -26.06 -13.37
C ALA A 317 -22.58 -25.10 -14.50
N LYS A 318 -23.44 -24.13 -14.78
CA LYS A 318 -23.26 -23.18 -15.87
C LYS A 318 -22.76 -21.83 -15.39
N LEU A 319 -22.48 -21.67 -14.12
CA LEU A 319 -22.07 -20.38 -13.59
C LEU A 319 -20.55 -20.25 -13.65
N PHE A 320 -20.09 -19.02 -13.81
CA PHE A 320 -18.66 -18.74 -13.87
C PHE A 320 -18.32 -17.63 -12.89
N THR A 321 -17.03 -17.52 -12.58
CA THR A 321 -16.50 -16.60 -11.58
C THR A 321 -15.60 -15.59 -12.27
N GLN A 322 -15.62 -14.35 -11.79
CA GLN A 322 -14.81 -13.30 -12.39
C GLN A 322 -13.33 -13.52 -12.09
N LYS A 323 -12.52 -13.51 -13.14
CA LYS A 323 -11.06 -13.55 -13.03
CA LYS A 323 -11.06 -13.54 -13.01
C LYS A 323 -10.50 -12.13 -12.98
N VAL A 324 -9.42 -11.97 -12.22
CA VAL A 324 -8.66 -10.73 -12.20
C VAL A 324 -7.79 -10.71 -13.44
N GLN A 325 -7.94 -9.67 -14.25
CA GLN A 325 -7.24 -9.55 -15.52
C GLN A 325 -5.95 -8.76 -15.37
N ASP A 326 -5.02 -9.02 -16.27
CA ASP A 326 -3.77 -8.28 -16.36
C ASP A 326 -4.02 -6.85 -16.80
N PRO A 327 -3.03 -5.96 -16.63
CA PRO A 327 -3.27 -4.54 -16.91
C PRO A 327 -3.56 -4.21 -18.36
N LYS A 328 -3.08 -4.99 -19.31
CA LYS A 328 -3.40 -4.71 -20.71
CA LYS A 328 -3.40 -4.70 -20.71
C LYS A 328 -4.86 -4.98 -20.99
N ILE A 329 -5.36 -6.14 -20.55
CA ILE A 329 -6.79 -6.39 -20.67
C ILE A 329 -7.60 -5.34 -19.92
N ASP A 330 -7.19 -4.99 -18.70
CA ASP A 330 -7.92 -3.97 -17.99
CA ASP A 330 -7.90 -3.95 -17.96
C ASP A 330 -8.00 -2.68 -18.80
N ARG A 331 -6.88 -2.27 -19.40
CA ARG A 331 -6.90 -1.05 -20.18
C ARG A 331 -7.86 -1.15 -21.36
N VAL A 332 -7.77 -2.24 -22.11
CA VAL A 332 -8.58 -2.38 -23.31
CA VAL A 332 -8.58 -2.36 -23.31
C VAL A 332 -10.06 -2.49 -22.97
N ARG A 333 -10.37 -3.24 -21.91
CA ARG A 333 -11.75 -3.38 -21.48
C ARG A 333 -12.32 -2.06 -21.02
N THR A 334 -11.56 -1.31 -20.23
CA THR A 334 -12.05 -0.04 -19.71
C THR A 334 -12.23 0.97 -20.85
N ARG A 335 -11.28 1.00 -21.79
CA ARG A 335 -11.43 1.87 -22.93
CA ARG A 335 -11.43 1.87 -22.95
C ARG A 335 -12.66 1.50 -23.75
N ALA A 336 -12.85 0.21 -24.01
CA ALA A 336 -14.02 -0.22 -24.78
C ALA A 336 -15.31 0.17 -24.07
N TRP A 337 -15.35 0.03 -22.75
CA TRP A 337 -16.52 0.40 -21.98
CA TRP A 337 -16.53 0.40 -21.98
C TRP A 337 -16.85 1.88 -22.13
N THR A 338 -15.84 2.73 -22.06
CA THR A 338 -16.09 4.15 -22.21
C THR A 338 -16.63 4.45 -23.60
N LYS A 339 -16.08 3.79 -24.63
CA LYS A 339 -16.59 3.97 -25.98
CA LYS A 339 -16.59 3.96 -25.99
C LYS A 339 -18.04 3.53 -26.08
N VAL A 340 -18.36 2.36 -25.52
CA VAL A 340 -19.73 1.86 -25.58
C VAL A 340 -20.69 2.84 -24.90
N LYS A 341 -20.36 3.27 -23.68
CA LYS A 341 -21.29 4.13 -22.96
C LYS A 341 -21.50 5.46 -23.66
N SER A 342 -20.48 5.98 -24.35
CA SER A 342 -20.61 7.21 -25.11
CA SER A 342 -20.61 7.21 -25.11
C SER A 342 -21.10 6.98 -26.53
N GLY A 343 -21.56 5.77 -26.85
CA GLY A 343 -21.78 5.34 -28.22
C GLY A 343 -22.81 6.12 -28.98
N LYS A 344 -23.73 6.81 -28.30
CA LYS A 344 -24.77 7.55 -29.00
C LYS A 344 -24.31 8.94 -29.45
N LEU A 345 -23.16 9.42 -28.99
CA LEU A 345 -22.74 10.79 -29.30
C LEU A 345 -22.36 10.92 -30.77
N GLU A 346 -22.59 12.11 -31.32
CA GLU A 346 -22.25 12.40 -32.71
C GLU A 346 -20.81 12.91 -32.79
N HIS A 347 -20.12 12.49 -33.85
CA HIS A 347 -18.73 12.86 -34.06
C HIS A 347 -18.57 13.56 -35.40
N HIS A 348 -17.45 14.25 -35.55
CA HIS A 348 -17.23 15.18 -36.65
C HIS A 348 -15.91 14.95 -37.36
N HIS A 349 -15.30 13.79 -37.16
CA HIS A 349 -13.97 13.49 -37.68
C HIS A 349 -13.97 12.96 -39.10
N HIS A 350 -15.11 12.53 -39.62
CA HIS A 350 -15.12 11.94 -40.96
C HIS A 350 -14.91 12.99 -42.05
N GLN B 3 5.29 -16.11 25.41
CA GLN B 3 6.57 -15.54 25.02
C GLN B 3 6.45 -14.84 23.67
N LYS B 4 6.64 -13.52 23.67
CA LYS B 4 6.58 -12.74 22.45
C LYS B 4 7.99 -12.44 21.98
N THR B 5 8.15 -12.30 20.67
CA THR B 5 9.43 -11.98 20.05
C THR B 5 9.29 -10.70 19.23
N LEU B 6 10.22 -9.79 19.46
CA LEU B 6 10.24 -8.49 18.82
C LEU B 6 11.29 -8.50 17.72
N HIS B 7 10.89 -8.14 16.50
CA HIS B 7 11.81 -8.10 15.36
C HIS B 7 12.14 -6.66 15.00
N ILE B 8 13.44 -6.35 14.94
CA ILE B 8 13.93 -4.99 14.70
C ILE B 8 14.89 -5.05 13.53
N TYR B 9 14.78 -4.08 12.62
CA TYR B 9 15.67 -3.93 11.47
C TYR B 9 16.27 -2.54 11.53
N ASN B 10 17.57 -2.47 11.76
CA ASN B 10 18.28 -1.21 11.96
C ASN B 10 19.50 -1.17 11.06
N TRP B 11 20.08 0.01 10.93
CA TRP B 11 21.36 0.13 10.25
C TRP B 11 22.44 -0.68 10.98
N THR B 12 23.42 -1.13 10.21
CA THR B 12 24.64 -1.68 10.81
C THR B 12 25.32 -0.62 11.66
N ASP B 13 26.10 -1.07 12.65
CA ASP B 13 26.96 -0.17 13.43
C ASP B 13 26.16 1.01 14.01
N TYR B 14 25.03 0.70 14.63
CA TYR B 14 24.10 1.75 15.02
C TYR B 14 23.34 1.40 16.31
N ILE B 15 23.98 0.64 17.19
CA ILE B 15 23.46 0.31 18.51
C ILE B 15 24.69 -0.06 19.34
N ALA B 16 24.54 -0.02 20.67
CA ALA B 16 25.64 -0.49 21.50
C ALA B 16 25.63 -2.01 21.54
N PRO B 17 26.78 -2.63 21.80
CA PRO B 17 26.85 -4.11 21.72
C PRO B 17 25.93 -4.81 22.69
N ASP B 18 25.56 -4.16 23.78
CA ASP B 18 24.76 -4.78 24.83
C ASP B 18 23.35 -4.21 24.94
N THR B 19 22.95 -3.29 24.05
CA THR B 19 21.62 -2.68 24.17
C THR B 19 20.53 -3.74 24.14
N VAL B 20 20.57 -4.62 23.15
CA VAL B 20 19.49 -5.61 23.01
C VAL B 20 19.50 -6.59 24.17
N ALA B 21 20.68 -7.09 24.54
CA ALA B 21 20.78 -8.01 25.67
C ALA B 21 20.25 -7.37 26.95
N ASN B 22 20.56 -6.09 27.16
CA ASN B 22 20.05 -5.40 28.35
C ASN B 22 18.53 -5.31 28.32
N PHE B 23 17.96 -5.01 27.16
CA PHE B 23 16.51 -4.95 27.04
C PHE B 23 15.89 -6.30 27.29
N GLU B 24 16.48 -7.36 26.73
CA GLU B 24 15.95 -8.69 26.95
C GLU B 24 15.97 -9.04 28.43
N LYS B 25 17.08 -8.72 29.11
CA LYS B 25 17.19 -9.00 30.54
C LYS B 25 16.16 -8.22 31.34
N GLU B 26 15.91 -6.96 30.97
CA GLU B 26 15.01 -6.14 31.78
CA GLU B 26 15.01 -6.14 31.78
C GLU B 26 13.56 -6.54 31.56
N THR B 27 13.19 -6.93 30.34
CA THR B 27 11.79 -7.10 29.99
C THR B 27 11.32 -8.53 29.82
N GLY B 28 12.23 -9.48 29.61
CA GLY B 28 11.84 -10.83 29.24
C GLY B 28 11.36 -11.00 27.82
N ILE B 29 11.48 -9.97 26.99
CA ILE B 29 11.10 -10.01 25.58
C ILE B 29 12.31 -10.46 24.79
N LYS B 30 12.14 -11.51 23.98
CA LYS B 30 13.18 -11.94 23.06
C LYS B 30 13.21 -11.04 21.84
N VAL B 31 14.42 -10.63 21.43
CA VAL B 31 14.60 -9.73 20.31
C VAL B 31 15.36 -10.44 19.20
N VAL B 32 14.82 -10.38 18.00
CA VAL B 32 15.50 -10.78 16.78
C VAL B 32 15.92 -9.50 16.07
N TYR B 33 17.22 -9.29 15.92
CA TYR B 33 17.77 -8.03 15.44
C TYR B 33 18.50 -8.28 14.14
N ASP B 34 18.16 -7.53 13.11
CA ASP B 34 18.79 -7.67 11.81
C ASP B 34 19.20 -6.29 11.33
N VAL B 35 20.11 -6.24 10.36
CA VAL B 35 20.74 -4.98 9.98
C VAL B 35 20.86 -4.81 8.47
N PHE B 36 20.88 -3.54 8.05
CA PHE B 36 21.05 -3.14 6.65
C PHE B 36 22.02 -1.96 6.61
N ASP B 37 22.59 -1.69 5.44
CA ASP B 37 23.46 -0.53 5.29
C ASP B 37 23.00 0.43 4.19
N SER B 38 21.75 0.33 3.75
CA SER B 38 21.26 1.24 2.72
CA SER B 38 21.25 1.21 2.71
C SER B 38 19.76 1.49 2.84
N ASN B 39 19.38 2.76 2.63
CA ASN B 39 17.97 3.11 2.55
C ASN B 39 17.30 2.35 1.41
N GLU B 40 18.04 2.12 0.30
CA GLU B 40 17.47 1.41 -0.84
CA GLU B 40 17.47 1.39 -0.84
C GLU B 40 16.99 0.01 -0.45
N VAL B 41 17.78 -0.71 0.34
CA VAL B 41 17.40 -2.07 0.73
C VAL B 41 16.13 -2.03 1.58
N LEU B 42 16.12 -1.16 2.60
CA LEU B 42 14.95 -1.03 3.46
C LEU B 42 13.72 -0.58 2.66
N GLU B 43 13.89 0.42 1.79
CA GLU B 43 12.75 0.93 1.04
C GLU B 43 12.16 -0.16 0.15
N GLY B 44 13.03 -0.92 -0.51
CA GLY B 44 12.56 -2.00 -1.34
C GLY B 44 11.73 -3.00 -0.56
N LYS B 45 12.19 -3.37 0.63
CA LYS B 45 11.44 -4.33 1.42
C LYS B 45 10.12 -3.76 1.89
N LEU B 46 10.11 -2.47 2.26
CA LEU B 46 8.86 -1.85 2.69
C LEU B 46 7.83 -1.80 1.56
N MET B 47 8.30 -1.59 0.33
CA MET B 47 7.38 -1.41 -0.79
C MET B 47 7.01 -2.70 -1.49
N ALA B 48 7.74 -3.78 -1.27
CA ALA B 48 7.53 -4.99 -2.04
C ALA B 48 6.55 -5.96 -1.40
N GLY B 49 6.31 -5.82 -0.10
CA GLY B 49 5.52 -6.78 0.63
C GLY B 49 5.68 -6.52 2.11
N SER B 50 5.43 -7.56 2.90
N SER B 50 5.44 -7.56 2.91
CA SER B 50 5.62 -7.41 4.33
CA SER B 50 5.57 -7.43 4.35
C SER B 50 7.09 -7.55 4.67
C SER B 50 7.03 -7.63 4.75
N THR B 51 7.56 -6.70 5.58
CA THR B 51 8.93 -6.82 6.04
C THR B 51 9.07 -7.85 7.14
N GLY B 52 7.97 -8.25 7.79
CA GLY B 52 8.05 -9.07 8.97
C GLY B 52 8.66 -8.41 10.19
N PHE B 53 9.01 -7.14 10.14
CA PHE B 53 9.59 -6.45 11.28
C PHE B 53 8.54 -5.67 12.06
N ASP B 54 8.76 -5.57 13.35
CA ASP B 54 7.91 -4.75 14.21
C ASP B 54 8.42 -3.32 14.29
N LEU B 55 9.72 -3.12 14.10
CA LEU B 55 10.32 -1.80 14.07
C LEU B 55 11.37 -1.76 12.97
N VAL B 56 11.45 -0.61 12.28
CA VAL B 56 12.43 -0.36 11.23
C VAL B 56 12.98 1.06 11.43
N VAL B 57 14.14 1.32 10.84
CA VAL B 57 14.85 2.58 11.09
C VAL B 57 15.18 3.31 9.78
N PRO B 58 14.18 3.86 9.09
CA PRO B 58 14.47 4.61 7.86
C PRO B 58 15.09 5.98 8.17
N SER B 59 15.79 6.55 7.19
CA SER B 59 16.07 7.97 7.26
CA SER B 59 16.07 7.96 7.24
C SER B 59 14.76 8.74 7.16
N ALA B 60 14.75 9.96 7.73
CA ALA B 60 13.52 10.74 7.75
C ALA B 60 13.02 11.07 6.34
N TYR B 61 13.91 11.36 5.40
CA TYR B 61 13.43 11.65 4.06
C TYR B 61 12.83 10.39 3.39
N LEU B 62 13.31 9.19 3.74
CA LEU B 62 12.69 7.96 3.23
C LEU B 62 11.30 7.76 3.83
N LEU B 63 11.18 7.97 5.14
CA LEU B 63 9.86 7.99 5.75
C LEU B 63 8.96 8.98 5.04
N GLU B 64 9.48 10.17 4.74
CA GLU B 64 8.70 11.16 4.00
C GLU B 64 8.30 10.62 2.62
N ARG B 65 9.25 10.00 1.91
CA ARG B 65 8.99 9.55 0.55
CA ARG B 65 8.99 9.54 0.54
C ARG B 65 7.82 8.55 0.51
N GLN B 66 7.75 7.66 1.50
CA GLN B 66 6.77 6.56 1.48
C GLN B 66 5.64 6.72 2.50
N LEU B 67 5.54 7.89 3.13
CA LEU B 67 4.52 8.09 4.16
C LEU B 67 3.13 7.91 3.59
N THR B 68 2.86 8.49 2.43
CA THR B 68 1.51 8.39 1.91
C THR B 68 1.22 7.03 1.31
N ALA B 69 2.22 6.17 1.15
CA ALA B 69 1.97 4.81 0.71
C ALA B 69 1.36 3.96 1.82
N GLY B 70 1.34 4.46 3.04
CA GLY B 70 0.69 3.74 4.14
C GLY B 70 1.48 2.59 4.70
N VAL B 71 2.80 2.55 4.48
CA VAL B 71 3.59 1.41 4.97
C VAL B 71 3.94 1.52 6.44
N PHE B 72 3.70 2.68 7.06
CA PHE B 72 3.96 2.88 8.48
C PHE B 72 2.64 3.16 9.18
N GLN B 73 2.59 2.82 10.46
CA GLN B 73 1.42 3.18 11.24
C GLN B 73 1.77 4.23 12.29
N PRO B 74 0.80 5.04 12.71
CA PRO B 74 1.11 6.11 13.66
C PRO B 74 1.52 5.54 14.99
N LEU B 75 2.50 6.19 15.61
N LEU B 75 2.45 6.22 15.67
CA LEU B 75 2.92 5.81 16.94
CA LEU B 75 3.01 5.73 16.93
C LEU B 75 1.88 6.26 17.95
C LEU B 75 2.17 6.26 18.09
N ASP B 76 1.49 5.35 18.81
CA ASP B 76 0.58 5.67 19.90
C ASP B 76 1.40 6.26 21.05
N LYS B 77 1.37 7.59 21.16
CA LYS B 77 2.17 8.25 22.17
C LYS B 77 1.75 7.88 23.59
N SER B 78 0.53 7.37 23.76
CA SER B 78 0.10 6.97 25.09
C SER B 78 0.89 5.77 25.58
N LYS B 79 1.57 5.06 24.69
CA LYS B 79 2.40 3.92 25.03
C LYS B 79 3.88 4.29 25.11
N LEU B 80 4.20 5.57 25.06
CA LEU B 80 5.57 6.08 25.06
C LEU B 80 5.70 7.16 26.12
N PRO B 81 5.60 6.78 27.39
CA PRO B 81 5.65 7.80 28.45
C PRO B 81 6.93 8.61 28.46
N GLU B 82 8.03 8.07 27.94
CA GLU B 82 9.29 8.79 27.92
C GLU B 82 9.46 9.69 26.71
N TRP B 83 8.43 9.82 25.87
CA TRP B 83 8.51 10.69 24.70
C TRP B 83 8.96 12.10 25.07
N LYS B 84 8.57 12.56 26.26
CA LYS B 84 8.93 13.90 26.72
C LYS B 84 10.44 14.13 26.79
N ASN B 85 11.25 13.07 26.74
CA ASN B 85 12.68 13.24 26.80
C ASN B 85 13.26 13.74 25.47
N LEU B 86 12.50 13.66 24.38
CA LEU B 86 13.02 14.07 23.09
C LEU B 86 13.13 15.59 23.04
N ASP B 87 14.15 16.07 22.37
CA ASP B 87 14.33 17.50 22.23
CA ASP B 87 14.35 17.50 22.23
C ASP B 87 13.23 18.11 21.38
N PRO B 88 12.49 19.08 21.89
CA PRO B 88 11.39 19.65 21.08
C PRO B 88 11.84 20.36 19.82
N GLU B 89 13.02 20.98 19.81
CA GLU B 89 13.47 21.65 18.59
C GLU B 89 13.81 20.64 17.51
N LEU B 90 14.37 19.50 17.89
CA LEU B 90 14.63 18.45 16.91
C LEU B 90 13.34 17.81 16.42
N LEU B 91 12.35 17.66 17.30
CA LEU B 91 11.05 17.16 16.85
C LEU B 91 10.47 18.07 15.77
N LYS B 92 10.63 19.38 15.92
CA LYS B 92 10.09 20.28 14.90
C LYS B 92 10.81 20.09 13.56
N LEU B 93 12.11 19.84 13.59
CA LEU B 93 12.83 19.61 12.33
C LEU B 93 12.38 18.32 11.68
N VAL B 94 12.23 17.25 12.46
CA VAL B 94 11.79 15.97 11.91
C VAL B 94 10.37 16.10 11.38
N ALA B 95 9.55 16.96 12.00
CA ALA B 95 8.17 17.12 11.59
C ALA B 95 8.05 17.63 10.17
N LYS B 96 9.11 18.19 9.59
CA LYS B 96 9.05 18.55 8.18
C LYS B 96 8.84 17.32 7.31
N HIS B 97 9.25 16.15 7.79
CA HIS B 97 9.09 14.87 7.11
C HIS B 97 7.91 14.09 7.61
N ASP B 98 7.38 14.46 8.77
CA ASP B 98 6.42 13.64 9.52
C ASP B 98 5.55 14.63 10.28
N PRO B 99 4.56 15.22 9.62
CA PRO B 99 3.80 16.31 10.23
C PRO B 99 3.21 15.93 11.57
N ASP B 100 3.43 16.79 12.56
N ASP B 100 3.45 16.78 12.57
CA ASP B 100 2.97 16.60 13.94
CA ASP B 100 3.03 16.57 13.95
C ASP B 100 3.65 15.41 14.62
C ASP B 100 3.58 15.28 14.53
N ASN B 101 4.73 14.88 14.05
CA ASN B 101 5.48 13.77 14.63
C ASN B 101 4.59 12.56 14.89
N LYS B 102 3.77 12.20 13.90
CA LYS B 102 2.82 11.12 14.13
C LYS B 102 3.43 9.74 13.96
N PHE B 103 4.39 9.58 13.05
CA PHE B 103 4.85 8.26 12.62
C PHE B 103 6.25 7.89 13.04
N ALA B 104 7.06 8.86 13.46
CA ALA B 104 8.49 8.62 13.59
C ALA B 104 9.06 9.09 14.92
N MET B 105 9.94 8.24 15.49
CA MET B 105 10.68 8.60 16.69
CA MET B 105 10.67 8.61 16.69
C MET B 105 12.09 8.99 16.28
N PRO B 106 12.49 10.25 16.41
CA PRO B 106 13.87 10.62 16.06
CA PRO B 106 13.87 10.60 16.05
C PRO B 106 14.87 9.81 16.87
N TYR B 107 15.86 9.24 16.17
CA TYR B 107 16.86 8.37 16.79
C TYR B 107 18.21 9.05 16.86
N MET B 108 18.86 9.29 15.72
CA MET B 108 20.18 9.91 15.64
C MET B 108 20.17 10.90 14.49
N TRP B 109 21.09 11.85 14.53
CA TRP B 109 21.25 12.88 13.51
CA TRP B 109 21.25 12.83 13.46
C TRP B 109 22.73 12.98 13.16
N ALA B 110 23.05 13.18 11.89
CA ALA B 110 24.44 13.44 11.53
C ALA B 110 24.54 14.00 10.12
N THR B 111 25.75 13.94 9.56
CA THR B 111 26.09 14.53 8.28
C THR B 111 26.84 13.51 7.43
N THR B 112 26.93 13.82 6.14
CA THR B 112 27.66 13.03 5.15
C THR B 112 28.82 13.87 4.65
N GLY B 113 30.03 13.45 4.99
CA GLY B 113 31.21 14.22 4.73
C GLY B 113 32.34 13.34 4.23
N ILE B 114 33.57 13.70 4.59
CA ILE B 114 34.75 12.98 4.16
C ILE B 114 35.47 12.39 5.36
N GLY B 115 35.63 11.08 5.38
CA GLY B 115 36.51 10.43 6.33
C GLY B 115 37.86 10.21 5.66
N TYR B 116 38.93 10.40 6.43
CA TYR B 116 40.24 10.33 5.81
C TYR B 116 41.32 9.97 6.80
N ASN B 117 42.38 9.39 6.24
CA ASN B 117 43.61 9.05 6.95
C ASN B 117 44.48 10.30 6.93
N VAL B 118 44.60 10.93 8.10
CA VAL B 118 45.25 12.23 8.18
C VAL B 118 46.66 12.16 7.60
N ASP B 119 47.44 11.17 8.03
CA ASP B 119 48.85 11.18 7.68
C ASP B 119 49.06 10.76 6.23
N LYS B 120 48.27 9.81 5.74
CA LYS B 120 48.44 9.39 4.35
C LYS B 120 48.02 10.50 3.39
N VAL B 121 46.92 11.20 3.70
CA VAL B 121 46.52 12.31 2.83
C VAL B 121 47.60 13.37 2.78
N LYS B 122 48.20 13.69 3.94
CA LYS B 122 49.26 14.69 3.96
C LYS B 122 50.53 14.18 3.27
N ALA B 123 50.80 12.88 3.34
CA ALA B 123 51.96 12.35 2.62
C ALA B 123 51.78 12.45 1.11
N VAL B 124 50.58 12.22 0.62
CA VAL B 124 50.35 12.21 -0.82
C VAL B 124 50.12 13.62 -1.35
N LEU B 125 49.35 14.45 -0.63
CA LEU B 125 48.95 15.76 -1.12
C LEU B 125 49.64 16.94 -0.43
N GLY B 126 50.41 16.71 0.62
CA GLY B 126 51.11 17.78 1.31
C GLY B 126 50.42 18.20 2.60
N GLU B 127 51.17 18.96 3.42
CA GLU B 127 50.69 19.31 4.74
CA GLU B 127 50.69 19.31 4.75
C GLU B 127 49.41 20.13 4.69
N ASN B 128 49.25 20.95 3.65
CA ASN B 128 48.07 21.78 3.47
C ASN B 128 47.08 21.14 2.51
N ALA B 129 47.01 19.81 2.49
CA ALA B 129 45.97 19.12 1.76
C ALA B 129 44.61 19.70 2.13
N PRO B 130 43.69 19.84 1.17
CA PRO B 130 42.43 20.59 1.40
C PRO B 130 41.38 19.74 2.10
N VAL B 131 41.69 19.35 3.34
CA VAL B 131 40.83 18.44 4.07
C VAL B 131 39.56 19.10 4.54
N ASP B 132 39.46 20.43 4.45
CA ASP B 132 38.25 21.16 4.76
C ASP B 132 37.37 21.39 3.55
N SER B 133 37.63 20.68 2.45
CA SER B 133 36.94 20.94 1.20
C SER B 133 36.61 19.66 0.46
N TRP B 134 35.46 19.67 -0.24
CA TRP B 134 35.14 18.58 -1.14
C TRP B 134 36.18 18.44 -2.25
N ASP B 135 37.02 19.47 -2.46
CA ASP B 135 38.14 19.33 -3.39
C ASP B 135 39.00 18.12 -3.06
N LEU B 136 39.05 17.71 -1.80
CA LEU B 136 39.91 16.60 -1.44
C LEU B 136 39.56 15.33 -2.22
N ILE B 137 38.27 15.12 -2.49
CA ILE B 137 37.77 13.87 -3.04
CA ILE B 137 37.79 13.87 -3.07
C ILE B 137 37.02 14.06 -4.36
N LEU B 138 36.63 15.28 -4.71
CA LEU B 138 35.85 15.52 -5.92
C LEU B 138 36.64 16.26 -6.99
N LYS B 139 37.87 16.63 -6.71
CA LYS B 139 38.73 17.25 -7.72
CA LYS B 139 38.73 17.25 -7.72
C LYS B 139 39.55 16.16 -8.37
N PRO B 140 39.41 15.92 -9.68
CA PRO B 140 40.07 14.74 -10.28
C PRO B 140 41.57 14.69 -10.06
N GLU B 141 42.24 15.84 -10.08
CA GLU B 141 43.68 15.85 -9.89
CA GLU B 141 43.69 15.85 -9.88
C GLU B 141 44.09 15.34 -8.50
N ASN B 142 43.25 15.59 -7.50
CA ASN B 142 43.54 15.06 -6.17
C ASN B 142 43.24 13.57 -6.08
N LEU B 143 42.11 13.13 -6.65
CA LEU B 143 41.79 11.71 -6.59
CA LEU B 143 41.80 11.70 -6.59
C LEU B 143 42.80 10.87 -7.36
N GLU B 144 43.36 11.40 -8.45
CA GLU B 144 44.37 10.66 -9.18
CA GLU B 144 44.37 10.67 -9.19
C GLU B 144 45.57 10.37 -8.30
N LYS B 145 45.94 11.33 -7.45
CA LYS B 145 47.08 11.16 -6.56
C LYS B 145 46.74 10.22 -5.41
N LEU B 146 45.47 10.15 -5.01
CA LEU B 146 45.04 9.32 -3.90
C LEU B 146 44.62 7.92 -4.30
N LYS B 147 44.60 7.62 -5.59
CA LYS B 147 44.02 6.36 -6.06
C LYS B 147 44.64 5.16 -5.36
N SER B 148 45.97 5.11 -5.29
CA SER B 148 46.61 3.91 -4.78
C SER B 148 46.44 3.74 -3.29
N CYS B 149 46.31 4.84 -2.54
CA CYS B 149 46.05 4.66 -1.11
CA CYS B 149 46.04 4.70 -1.11
C CYS B 149 44.60 4.29 -0.83
N GLY B 150 43.71 4.39 -1.81
CA GLY B 150 42.38 3.85 -1.68
C GLY B 150 41.31 4.89 -1.42
N VAL B 151 40.34 4.95 -2.33
CA VAL B 151 39.23 5.90 -2.28
C VAL B 151 37.94 5.08 -2.30
N SER B 152 37.03 5.38 -1.38
CA SER B 152 35.70 4.78 -1.44
C SER B 152 34.63 5.85 -1.47
N PHE B 153 33.54 5.55 -2.17
CA PHE B 153 32.33 6.35 -2.16
C PHE B 153 31.21 5.51 -1.55
N LEU B 154 30.28 6.16 -0.84
CA LEU B 154 29.08 5.46 -0.41
C LEU B 154 28.37 4.86 -1.61
N ASP B 155 27.73 3.72 -1.39
CA ASP B 155 26.85 3.13 -2.40
C ASP B 155 25.44 3.69 -2.16
N ASP B 156 25.31 5.00 -2.39
CA ASP B 156 24.07 5.71 -2.11
C ASP B 156 23.94 6.78 -3.17
N PRO B 157 23.13 6.54 -4.20
CA PRO B 157 23.07 7.49 -5.33
C PRO B 157 22.50 8.83 -4.93
N GLU B 158 21.56 8.87 -4.00
CA GLU B 158 20.97 10.14 -3.61
CA GLU B 158 20.97 10.14 -3.60
C GLU B 158 22.00 11.02 -2.92
N GLU B 159 22.78 10.43 -2.01
CA GLU B 159 23.83 11.17 -1.33
C GLU B 159 24.88 11.65 -2.31
N VAL B 160 25.34 10.74 -3.18
CA VAL B 160 26.48 11.07 -4.02
C VAL B 160 26.08 12.16 -5.02
N PHE B 161 24.92 12.04 -5.65
CA PHE B 161 24.53 13.06 -6.61
C PHE B 161 24.27 14.40 -5.95
N ALA B 162 23.66 14.42 -4.77
CA ALA B 162 23.42 15.70 -4.10
C ALA B 162 24.74 16.39 -3.76
N THR B 163 25.72 15.64 -3.27
CA THR B 163 26.99 16.25 -2.93
C THR B 163 27.72 16.76 -4.17
N VAL B 164 27.68 15.99 -5.25
CA VAL B 164 28.31 16.42 -6.50
C VAL B 164 27.63 17.67 -7.04
N LEU B 165 26.29 17.69 -7.05
CA LEU B 165 25.59 18.87 -7.53
C LEU B 165 25.95 20.10 -6.71
N ASN B 166 25.97 19.96 -5.39
CA ASN B 166 26.36 21.09 -4.56
C ASN B 166 27.77 21.57 -4.89
N TYR B 167 28.69 20.62 -5.09
CA TYR B 167 30.07 20.95 -5.38
C TYR B 167 30.19 21.71 -6.70
N LEU B 168 29.37 21.36 -7.68
CA LEU B 168 29.33 22.02 -8.98
C LEU B 168 28.60 23.35 -8.93
N GLY B 169 28.09 23.76 -7.79
CA GLY B 169 27.40 25.04 -7.70
C GLY B 169 25.95 24.98 -8.10
N LYS B 170 25.39 23.78 -8.23
CA LYS B 170 23.98 23.61 -8.50
C LYS B 170 23.23 23.41 -7.18
N ASP B 171 21.92 23.45 -7.26
CA ASP B 171 21.07 23.05 -6.14
C ASP B 171 21.38 21.60 -5.80
N PRO B 172 21.77 21.28 -4.56
CA PRO B 172 21.99 19.87 -4.23
C PRO B 172 20.78 19.01 -4.54
N ASN B 173 19.58 19.60 -4.52
CA ASN B 173 18.34 18.90 -4.82
C ASN B 173 17.74 19.35 -6.14
N SER B 174 18.60 19.61 -7.12
CA SER B 174 18.15 20.06 -8.42
C SER B 174 17.05 19.17 -8.96
N THR B 175 16.04 19.80 -9.56
CA THR B 175 14.96 19.08 -10.24
C THR B 175 15.13 19.09 -11.75
N LYS B 176 16.29 19.53 -12.24
CA LYS B 176 16.56 19.63 -13.67
C LYS B 176 17.32 18.38 -14.11
N ALA B 177 16.70 17.58 -14.97
CA ALA B 177 17.31 16.32 -15.39
C ALA B 177 18.70 16.52 -15.98
N ASP B 178 18.90 17.60 -16.75
CA ASP B 178 20.17 17.81 -17.44
C ASP B 178 21.33 17.99 -16.46
N ASP B 179 21.05 18.48 -15.25
CA ASP B 179 22.10 18.60 -14.25
C ASP B 179 22.68 17.24 -13.88
N TYR B 180 21.83 16.22 -13.87
CA TYR B 180 22.25 14.86 -13.52
C TYR B 180 22.95 14.20 -14.69
N THR B 181 22.36 14.26 -15.88
CA THR B 181 22.91 13.54 -17.02
C THR B 181 24.12 14.24 -17.59
N GLY B 182 24.22 15.54 -17.38
CA GLY B 182 25.30 16.34 -17.89
C GLY B 182 26.43 16.50 -16.90
N PRO B 183 26.48 17.64 -16.22
CA PRO B 183 27.67 17.93 -15.41
C PRO B 183 27.92 16.97 -14.26
N ALA B 184 26.88 16.48 -13.58
CA ALA B 184 27.15 15.57 -12.47
C ALA B 184 27.75 14.27 -12.97
N THR B 185 27.16 13.70 -14.03
CA THR B 185 27.69 12.47 -14.62
C THR B 185 29.10 12.71 -15.17
N ASP B 186 29.32 13.85 -15.85
CA ASP B 186 30.65 14.12 -16.39
C ASP B 186 31.72 14.09 -15.30
N LEU B 187 31.45 14.76 -14.16
CA LEU B 187 32.44 14.78 -13.10
C LEU B 187 32.63 13.39 -12.51
N LEU B 188 31.54 12.69 -12.23
CA LEU B 188 31.65 11.35 -11.65
C LEU B 188 32.42 10.40 -12.55
N LEU B 189 32.25 10.51 -13.87
CA LEU B 189 32.99 9.65 -14.78
C LEU B 189 34.48 9.99 -14.80
N LYS B 190 34.82 11.26 -14.59
CA LYS B 190 36.23 11.63 -14.47
C LYS B 190 36.85 11.08 -13.19
N LEU B 191 36.07 11.03 -12.12
CA LEU B 191 36.56 10.53 -10.85
C LEU B 191 36.61 9.02 -10.83
N ARG B 192 35.71 8.37 -11.56
CA ARG B 192 35.49 6.93 -11.41
C ARG B 192 36.74 6.07 -11.51
N PRO B 193 37.68 6.32 -12.41
CA PRO B 193 38.85 5.43 -12.52
C PRO B 193 39.63 5.34 -11.24
N ASN B 194 39.51 6.33 -10.37
CA ASN B 194 40.30 6.43 -9.16
C ASN B 194 39.57 5.95 -7.93
N ILE B 195 38.32 5.51 -8.07
CA ILE B 195 37.52 5.03 -6.95
C ILE B 195 37.69 3.51 -6.84
N ARG B 196 38.13 3.05 -5.67
CA ARG B 196 38.33 1.63 -5.50
C ARG B 196 37.00 0.89 -5.41
N TYR B 197 36.06 1.41 -4.63
CA TYR B 197 34.78 0.73 -4.52
C TYR B 197 33.70 1.70 -4.07
N PHE B 198 32.46 1.30 -4.33
CA PHE B 198 31.27 1.93 -3.79
C PHE B 198 30.70 1.00 -2.73
N HIS B 199 30.71 1.43 -1.49
CA HIS B 199 30.19 0.60 -0.42
C HIS B 199 29.87 1.50 0.75
N SER B 200 28.77 1.19 1.45
CA SER B 200 28.31 2.05 2.53
C SER B 200 28.62 1.50 3.90
N SER B 201 29.40 0.43 4.01
CA SER B 201 29.82 -0.02 5.34
C SER B 201 31.25 -0.55 5.41
N GLN B 202 31.82 -1.08 4.32
CA GLN B 202 33.18 -1.63 4.40
CA GLN B 202 33.17 -1.62 4.39
C GLN B 202 34.20 -0.54 4.69
N TYR B 203 33.87 0.71 4.39
CA TYR B 203 34.83 1.79 4.55
C TYR B 203 35.19 2.04 6.00
N ILE B 204 34.37 1.59 6.95
CA ILE B 204 34.67 1.85 8.34
C ILE B 204 35.92 1.08 8.76
N ASN B 205 35.90 -0.24 8.60
CA ASN B 205 37.08 -1.00 8.95
C ASN B 205 38.25 -0.70 8.03
N ASP B 206 38.00 -0.40 6.76
CA ASP B 206 39.12 -0.09 5.89
C ASP B 206 39.81 1.22 6.27
N LEU B 207 39.04 2.23 6.71
CA LEU B 207 39.66 3.43 7.24
C LEU B 207 40.45 3.11 8.51
N ALA B 208 39.85 2.34 9.41
CA ALA B 208 40.49 2.06 10.69
C ALA B 208 41.81 1.35 10.53
N ASN B 209 41.92 0.47 9.54
CA ASN B 209 43.10 -0.36 9.34
C ASN B 209 44.14 0.27 8.45
N GLY B 210 43.84 1.42 7.84
CA GLY B 210 44.75 2.06 6.93
C GLY B 210 44.66 1.61 5.49
N ASP B 211 43.62 0.84 5.13
CA ASP B 211 43.49 0.28 3.79
C ASP B 211 42.82 1.22 2.79
N ILE B 212 41.98 2.14 3.26
CA ILE B 212 41.38 3.22 2.48
CA ILE B 212 41.45 3.23 2.45
C ILE B 212 41.87 4.53 3.08
N CYS B 213 42.24 5.49 2.24
CA CYS B 213 42.74 6.76 2.76
CA CYS B 213 42.73 6.76 2.75
C CYS B 213 41.70 7.87 2.71
N VAL B 214 40.70 7.78 1.85
CA VAL B 214 39.65 8.81 1.78
CA VAL B 214 39.66 8.80 1.79
C VAL B 214 38.34 8.12 1.43
N ALA B 215 37.26 8.56 2.08
CA ALA B 215 35.95 7.98 1.86
C ALA B 215 34.88 9.05 1.99
N ILE B 216 33.87 9.01 1.12
CA ILE B 216 32.61 9.64 1.48
C ILE B 216 31.97 8.78 2.56
N GLY B 217 31.61 9.38 3.68
CA GLY B 217 31.14 8.61 4.81
C GLY B 217 30.20 9.39 5.70
N TRP B 218 29.43 8.63 6.46
CA TRP B 218 28.56 9.16 7.48
C TRP B 218 29.37 9.44 8.74
N ALA B 219 29.10 10.59 9.37
CA ALA B 219 30.00 11.13 10.39
C ALA B 219 30.33 10.09 11.46
N GLY B 220 29.31 9.56 12.13
CA GLY B 220 29.57 8.64 13.23
C GLY B 220 30.30 7.37 12.80
N ASP B 221 30.06 6.92 11.57
CA ASP B 221 30.79 5.78 11.06
C ASP B 221 32.27 6.07 11.00
N VAL B 222 32.62 7.29 10.56
CA VAL B 222 34.03 7.66 10.48
C VAL B 222 34.62 7.80 11.88
N TRP B 223 33.87 8.38 12.82
CA TRP B 223 34.37 8.49 14.18
C TRP B 223 34.53 7.11 14.82
N GLN B 224 33.65 6.16 14.49
CA GLN B 224 33.86 4.78 14.90
C GLN B 224 35.16 4.23 14.34
N ALA B 225 35.43 4.49 13.05
CA ALA B 225 36.69 4.03 12.48
C ALA B 225 37.88 4.59 13.24
N SER B 226 37.82 5.90 13.55
CA SER B 226 38.91 6.57 14.27
C SER B 226 39.10 5.94 15.64
N ASN B 227 38.00 5.64 16.32
CA ASN B 227 38.08 5.02 17.64
C ASN B 227 38.59 3.59 17.55
N ARG B 228 38.18 2.85 16.53
CA ARG B 228 38.67 1.48 16.36
C ARG B 228 40.18 1.47 16.17
N ALA B 229 40.69 2.40 15.36
CA ALA B 229 42.13 2.51 15.19
C ALA B 229 42.82 2.85 16.50
N LYS B 230 42.25 3.79 17.26
CA LYS B 230 42.85 4.16 18.53
C LYS B 230 42.85 2.97 19.51
N GLU B 231 41.75 2.24 19.60
CA GLU B 231 41.71 1.09 20.50
CA GLU B 231 41.70 1.10 20.49
C GLU B 231 42.68 0.00 20.06
N ALA B 232 42.90 -0.12 18.75
CA ALA B 232 43.85 -1.09 18.20
C ALA B 232 45.30 -0.65 18.40
N LYS B 233 45.53 0.61 18.76
CA LYS B 233 46.88 1.13 18.96
C LYS B 233 47.73 0.94 17.71
N ASN B 234 47.12 1.15 16.54
CA ASN B 234 47.74 0.80 15.27
C ASN B 234 48.41 1.99 14.58
N GLY B 235 48.45 3.15 15.21
CA GLY B 235 49.11 4.29 14.65
C GLY B 235 48.39 4.98 13.51
N VAL B 236 47.16 4.56 13.18
CA VAL B 236 46.37 5.15 12.11
C VAL B 236 45.53 6.29 12.70
N ASN B 237 45.59 7.46 12.06
CA ASN B 237 44.84 8.64 12.51
CA ASN B 237 44.84 8.64 12.49
C ASN B 237 43.76 8.92 11.47
N VAL B 238 42.52 8.59 11.83
CA VAL B 238 41.36 8.85 11.00
C VAL B 238 40.64 10.08 11.54
N SER B 239 40.27 10.98 10.64
CA SER B 239 39.44 12.12 10.98
C SER B 239 38.28 12.24 10.00
N PHE B 240 37.42 13.20 10.28
CA PHE B 240 36.23 13.45 9.48
C PHE B 240 36.09 14.94 9.24
N SER B 241 35.62 15.30 8.06
CA SER B 241 35.41 16.70 7.71
CA SER B 241 35.39 16.70 7.72
C SER B 241 33.98 16.89 7.20
N ILE B 242 33.30 17.89 7.76
CA ILE B 242 32.10 18.46 7.18
C ILE B 242 32.64 19.60 6.31
N PRO B 243 32.74 19.45 4.99
CA PRO B 243 33.53 20.44 4.24
C PRO B 243 32.85 21.80 4.13
N LYS B 244 33.69 22.78 3.79
CA LYS B 244 33.29 24.18 3.80
C LYS B 244 32.21 24.51 2.78
N GLU B 245 32.06 23.71 1.72
CA GLU B 245 31.01 23.96 0.72
C GLU B 245 29.65 23.48 1.19
N GLY B 246 29.57 22.85 2.36
CA GLY B 246 28.33 22.29 2.85
C GLY B 246 28.30 20.78 2.70
N ALA B 247 27.24 20.19 3.21
CA ALA B 247 27.11 18.75 3.25
C ALA B 247 25.67 18.40 3.58
N MET B 248 25.31 17.18 3.26
CA MET B 248 24.01 16.64 3.65
CA MET B 248 24.01 16.66 3.65
C MET B 248 23.95 16.42 5.15
N ALA B 249 22.81 16.78 5.74
CA ALA B 249 22.45 16.45 7.11
C ALA B 249 21.17 15.62 7.07
N TRP B 250 20.98 14.80 8.09
CA TRP B 250 19.88 13.86 8.06
C TRP B 250 19.56 13.36 9.46
N PHE B 251 18.34 12.89 9.62
CA PHE B 251 17.90 12.16 10.79
C PHE B 251 17.59 10.74 10.37
N ASP B 252 17.92 9.78 11.22
CA ASP B 252 17.32 8.46 11.14
C ASP B 252 16.29 8.35 12.25
N VAL B 253 15.20 7.64 11.96
CA VAL B 253 14.07 7.55 12.86
C VAL B 253 13.63 6.10 13.02
N PHE B 254 13.11 5.76 14.20
CA PHE B 254 12.38 4.52 14.34
C PHE B 254 10.94 4.70 13.87
N ALA B 255 10.42 3.69 13.20
CA ALA B 255 9.05 3.69 12.71
C ALA B 255 8.51 2.27 12.82
N MET B 256 7.18 2.15 12.80
CA MET B 256 6.52 0.87 12.98
C MET B 256 5.80 0.48 11.70
N PRO B 257 6.19 -0.62 11.05
CA PRO B 257 5.47 -1.06 9.86
C PRO B 257 4.00 -1.25 10.15
N ALA B 258 3.17 -0.93 9.17
CA ALA B 258 1.74 -0.96 9.36
C ALA B 258 1.21 -2.34 9.71
N ASP B 259 1.92 -3.41 9.33
CA ASP B 259 1.46 -4.76 9.62
C ASP B 259 2.20 -5.39 10.78
N ALA B 260 2.85 -4.58 11.61
CA ALA B 260 3.62 -5.10 12.72
C ALA B 260 2.75 -5.98 13.62
N LYS B 261 3.32 -7.12 14.00
CA LYS B 261 2.65 -8.14 14.80
C LYS B 261 2.64 -7.76 16.27
N ASN B 262 3.80 -7.40 16.81
CA ASN B 262 3.97 -7.28 18.25
C ASN B 262 4.17 -5.83 18.63
N LYS B 263 3.07 -5.07 18.56
CA LYS B 263 3.12 -3.63 18.78
C LYS B 263 3.45 -3.30 20.23
N ASP B 264 2.86 -4.03 21.19
CA ASP B 264 3.14 -3.73 22.59
C ASP B 264 4.63 -3.88 22.89
N GLU B 265 5.25 -4.95 22.40
CA GLU B 265 6.67 -5.14 22.64
C GLU B 265 7.49 -4.08 21.93
N ALA B 266 7.06 -3.69 20.73
CA ALA B 266 7.75 -2.62 20.01
C ALA B 266 7.70 -1.31 20.79
N TYR B 267 6.54 -0.99 21.37
CA TYR B 267 6.46 0.23 22.19
C TYR B 267 7.35 0.12 23.41
N GLN B 268 7.46 -1.07 24.01
CA GLN B 268 8.39 -1.22 25.14
C GLN B 268 9.82 -0.92 24.71
N PHE B 269 10.21 -1.37 23.51
CA PHE B 269 11.56 -1.11 23.04
C PHE B 269 11.77 0.37 22.74
N LEU B 270 10.79 1.01 22.08
CA LEU B 270 10.92 2.44 21.82
C LEU B 270 11.03 3.22 23.11
N ASN B 271 10.21 2.86 24.10
CA ASN B 271 10.27 3.57 25.37
C ASN B 271 11.59 3.34 26.08
N TYR B 272 12.17 2.14 25.90
CA TYR B 272 13.51 1.83 26.40
C TYR B 272 14.55 2.73 25.76
N LEU B 273 14.49 2.90 24.43
CA LEU B 273 15.40 3.80 23.75
C LEU B 273 15.23 5.26 24.15
N LEU B 274 14.04 5.63 24.66
CA LEU B 274 13.82 6.98 25.15
C LEU B 274 14.38 7.19 26.55
N ARG B 275 14.80 6.13 27.23
CA ARG B 275 15.39 6.30 28.55
CA ARG B 275 15.39 6.29 28.55
CA ARG B 275 15.39 6.29 28.55
C ARG B 275 16.77 6.92 28.40
N PRO B 276 17.10 7.95 29.18
CA PRO B 276 18.33 8.70 28.91
C PRO B 276 19.60 7.86 28.93
N ASP B 277 19.74 6.95 29.90
CA ASP B 277 20.95 6.15 29.97
C ASP B 277 21.09 5.23 28.77
N VAL B 278 19.97 4.73 28.24
CA VAL B 278 20.03 3.76 27.16
C VAL B 278 20.56 4.41 25.89
N VAL B 279 19.99 5.54 25.52
CA VAL B 279 20.37 6.16 24.26
C VAL B 279 21.73 6.87 24.39
N ALA B 280 22.05 7.41 25.56
CA ALA B 280 23.40 7.97 25.74
C ALA B 280 24.46 6.90 25.57
N HIS B 281 24.20 5.71 26.12
CA HIS B 281 25.14 4.60 25.96
C HIS B 281 25.33 4.22 24.49
N ILE B 282 24.25 4.27 23.70
CA ILE B 282 24.37 4.03 22.26
C ILE B 282 25.27 5.09 21.63
N SER B 283 24.99 6.37 21.89
CA SER B 283 25.81 7.43 21.31
C SER B 283 27.28 7.26 21.66
N ASP B 284 27.56 6.82 22.89
CA ASP B 284 28.95 6.64 23.31
C ASP B 284 29.67 5.63 22.42
N HIS B 285 28.94 4.61 21.97
CA HIS B 285 29.53 3.54 21.18
CA HIS B 285 29.53 3.54 21.18
C HIS B 285 29.55 3.82 19.69
N VAL B 286 28.53 4.52 19.18
CA VAL B 286 28.42 4.70 17.74
C VAL B 286 28.82 6.09 17.26
N PHE B 287 29.08 7.02 18.18
CA PHE B 287 29.60 8.36 17.84
C PHE B 287 28.64 9.17 16.98
N TYR B 288 27.35 9.01 17.28
CA TYR B 288 26.27 9.76 16.66
C TYR B 288 25.52 10.56 17.73
N ALA B 289 25.11 11.76 17.35
CA ALA B 289 24.23 12.57 18.18
C ALA B 289 22.84 11.96 18.20
N ASN B 290 22.29 11.77 19.40
CA ASN B 290 20.91 11.34 19.54
C ASN B 290 19.98 12.55 19.66
N ALA B 291 18.69 12.27 19.64
CA ALA B 291 17.68 13.32 19.64
C ALA B 291 17.03 13.53 20.99
N ASN B 292 17.66 13.04 22.05
CA ASN B 292 17.09 12.97 23.40
C ASN B 292 17.76 14.03 24.27
N LYS B 293 17.00 15.07 24.61
CA LYS B 293 17.52 16.14 25.45
C LYS B 293 17.91 15.63 26.84
N ALA B 294 17.12 14.72 27.40
CA ALA B 294 17.43 14.21 28.74
C ALA B 294 18.72 13.41 28.76
N ALA B 295 19.07 12.79 27.64
CA ALA B 295 20.25 11.93 27.60
C ALA B 295 21.56 12.73 27.57
N THR B 296 21.52 13.99 27.18
CA THR B 296 22.76 14.71 26.91
C THR B 296 23.80 14.63 28.01
N PRO B 297 23.49 14.87 29.29
CA PRO B 297 24.56 14.86 30.30
C PRO B 297 25.18 13.51 30.53
N LEU B 298 24.55 12.43 30.05
CA LEU B 298 25.12 11.09 30.15
C LEU B 298 25.99 10.73 28.96
N VAL B 299 25.94 11.49 27.86
CA VAL B 299 26.78 11.21 26.71
C VAL B 299 28.22 11.57 27.05
N SER B 300 29.15 10.72 26.64
CA SER B 300 30.56 10.99 26.90
CA SER B 300 30.55 10.98 26.91
C SER B 300 30.97 12.35 26.39
N ALA B 301 31.84 13.02 27.16
CA ALA B 301 32.39 14.29 26.71
C ALA B 301 33.13 14.14 25.38
N GLU B 302 33.77 12.99 25.13
CA GLU B 302 34.50 12.88 23.86
C GLU B 302 33.54 12.94 22.68
N VAL B 303 32.31 12.47 22.85
CA VAL B 303 31.31 12.58 21.79
C VAL B 303 30.71 13.99 21.75
N ARG B 304 30.30 14.52 22.91
CA ARG B 304 29.64 15.83 22.93
C ARG B 304 30.55 16.96 22.45
N GLU B 305 31.84 16.90 22.77
CA GLU B 305 32.73 18.00 22.41
CA GLU B 305 32.75 17.98 22.42
C GLU B 305 33.31 17.87 21.02
N ASN B 306 32.87 16.87 20.25
CA ASN B 306 33.40 16.69 18.91
C ASN B 306 32.54 17.49 17.93
N PRO B 307 33.08 18.55 17.32
CA PRO B 307 32.27 19.36 16.41
C PRO B 307 31.96 18.69 15.09
N GLY B 308 32.53 17.52 14.82
CA GLY B 308 32.10 16.70 13.72
C GLY B 308 30.94 15.79 14.04
N ILE B 309 30.48 15.82 15.28
CA ILE B 309 29.28 15.11 15.73
C ILE B 309 28.19 16.09 16.11
N TYR B 310 28.57 17.16 16.80
CA TYR B 310 27.70 18.27 17.18
C TYR B 310 28.28 19.55 16.60
N PRO B 311 28.03 19.84 15.32
CA PRO B 311 28.67 21.01 14.70
C PRO B 311 28.06 22.31 15.19
N PRO B 312 28.83 23.39 15.15
CA PRO B 312 28.35 24.70 15.61
C PRO B 312 27.42 25.34 14.58
N ALA B 313 26.80 26.45 14.99
CA ALA B 313 25.74 27.07 14.20
C ALA B 313 26.22 27.41 12.79
N ASP B 314 27.43 27.96 12.66
CA ASP B 314 27.90 28.38 11.34
C ASP B 314 28.11 27.18 10.41
N VAL B 315 28.43 26.02 10.96
CA VAL B 315 28.55 24.83 10.13
C VAL B 315 27.17 24.29 9.79
N ARG B 316 26.27 24.27 10.79
CA ARG B 316 24.92 23.78 10.55
C ARG B 316 24.20 24.58 9.48
N ALA B 317 24.52 25.88 9.35
CA ALA B 317 23.90 26.74 8.35
C ALA B 317 24.27 26.34 6.92
N LYS B 318 25.37 25.61 6.74
CA LYS B 318 25.80 25.14 5.43
C LYS B 318 25.24 23.77 5.06
N LEU B 319 24.47 23.14 5.95
CA LEU B 319 24.00 21.79 5.70
C LEU B 319 22.70 21.86 4.91
N PHE B 320 22.45 20.81 4.13
CA PHE B 320 21.24 20.69 3.33
C PHE B 320 20.56 19.35 3.62
N THR B 321 19.28 19.27 3.29
CA THR B 321 18.43 18.12 3.55
C THR B 321 18.02 17.49 2.22
N GLN B 322 17.92 16.16 2.19
CA GLN B 322 17.54 15.46 0.98
C GLN B 322 16.07 15.68 0.66
N LYS B 323 15.79 16.11 -0.56
CA LYS B 323 14.42 16.25 -1.04
CA LYS B 323 14.43 16.26 -1.06
C LYS B 323 14.02 15.01 -1.82
N VAL B 324 12.74 14.70 -1.77
CA VAL B 324 12.17 13.60 -2.53
C VAL B 324 11.97 14.06 -3.97
N GLN B 325 12.51 13.33 -4.93
CA GLN B 325 12.46 13.70 -6.33
C GLN B 325 11.29 13.02 -7.05
N ASP B 326 10.85 13.67 -8.12
CA ASP B 326 9.83 13.12 -8.98
C ASP B 326 10.38 11.91 -9.74
N PRO B 327 9.50 11.12 -10.33
CA PRO B 327 9.95 9.86 -10.94
C PRO B 327 10.87 10.03 -12.12
N LYS B 328 10.80 11.14 -12.85
CA LYS B 328 11.71 11.33 -13.97
CA LYS B 328 11.72 11.33 -13.96
C LYS B 328 13.13 11.58 -13.47
N ILE B 329 13.29 12.45 -12.47
CA ILE B 329 14.61 12.62 -11.87
C ILE B 329 15.09 11.32 -11.25
N ASP B 330 14.20 10.57 -10.59
CA ASP B 330 14.62 9.30 -10.01
C ASP B 330 15.19 8.39 -11.10
N ARG B 331 14.50 8.31 -12.24
CA ARG B 331 14.97 7.46 -13.32
C ARG B 331 16.32 7.93 -13.84
N VAL B 332 16.45 9.23 -14.12
CA VAL B 332 17.71 9.69 -14.71
C VAL B 332 18.86 9.57 -13.70
N ARG B 333 18.61 9.88 -12.43
CA ARG B 333 19.66 9.75 -11.42
C ARG B 333 20.09 8.30 -11.26
N THR B 334 19.13 7.38 -11.23
CA THR B 334 19.47 5.96 -11.06
C THR B 334 20.23 5.44 -12.27
N ARG B 335 19.80 5.83 -13.47
CA ARG B 335 20.53 5.44 -14.68
CA ARG B 335 20.53 5.44 -14.66
C ARG B 335 21.96 5.97 -14.63
N ALA B 336 22.12 7.25 -14.26
CA ALA B 336 23.45 7.85 -14.21
C ALA B 336 24.33 7.14 -13.21
N TRP B 337 23.77 6.79 -12.07
CA TRP B 337 24.50 6.05 -11.06
C TRP B 337 24.99 4.71 -11.60
N THR B 338 24.12 3.98 -12.28
CA THR B 338 24.54 2.68 -12.82
C THR B 338 25.66 2.88 -13.83
N LYS B 339 25.55 3.91 -14.67
CA LYS B 339 26.60 4.24 -15.63
CA LYS B 339 26.61 4.22 -15.63
C LYS B 339 27.92 4.51 -14.91
N VAL B 340 27.87 5.30 -13.83
CA VAL B 340 29.08 5.68 -13.11
C VAL B 340 29.72 4.46 -12.47
N LYS B 341 28.93 3.66 -11.78
CA LYS B 341 29.52 2.51 -11.09
C LYS B 341 30.15 1.54 -12.07
N SER B 342 29.62 1.44 -13.29
CA SER B 342 30.16 0.54 -14.30
CA SER B 342 30.16 0.55 -14.31
C SER B 342 31.12 1.26 -15.25
N GLY B 343 31.55 2.47 -14.91
CA GLY B 343 32.28 3.34 -15.82
C GLY B 343 33.66 2.87 -16.23
N LYS B 344 34.23 1.89 -15.54
CA LYS B 344 35.54 1.39 -15.93
C LYS B 344 35.48 0.34 -17.04
N LEU B 345 34.30 -0.18 -17.38
CA LEU B 345 34.23 -1.29 -18.32
C LEU B 345 34.48 -0.85 -19.75
N GLU B 346 35.14 -1.71 -20.53
CA GLU B 346 35.33 -1.48 -21.96
C GLU B 346 34.04 -1.75 -22.74
N HIS B 347 33.82 -0.93 -23.76
CA HIS B 347 32.67 -1.09 -24.66
C HIS B 347 33.16 -1.28 -26.09
N HIS B 348 32.26 -1.79 -26.93
CA HIS B 348 32.64 -2.24 -28.27
C HIS B 348 31.68 -1.73 -29.34
N HIS B 349 30.93 -0.67 -29.05
CA HIS B 349 29.91 -0.17 -29.96
C HIS B 349 30.42 0.85 -30.96
N HIS B 350 31.68 1.28 -30.88
CA HIS B 350 32.15 2.32 -31.77
C HIS B 350 32.45 1.75 -33.15
#